data_8OML
#
_entry.id   8OML
#
_cell.length_a   196.738
_cell.length_b   81.863
_cell.length_c   58.850
_cell.angle_alpha   90.00
_cell.angle_beta   98.11
_cell.angle_gamma   90.00
#
_symmetry.space_group_name_H-M   'C 1 2 1'
#
loop_
_entity.id
_entity.type
_entity.pdbx_description
1 polymer 'Cell wall surface anchor family protein'
2 non-polymer 'PHOSPHATE ION'
3 water water
#
_entity_poly.entity_id   1
_entity_poly.type   'polypeptide(L)'
_entity_poly.pdbx_seq_one_letter_code
;GSSAETDFATAVNGNLRFYTAAAGTDSERMRITGSGLVGIGTPAPAVPLQVATRVPSSAVHPNRAGIQAVGEGTDVGGRI
SALVSSTIEMATFSGYQSAGTLAAPTAVTSGQSLTSLTAFAYNGTQYQSGGNASINFVATEAHTASAGGAKIIFNTTNNG
ATGSTEKVVIDQNGNVGVGVGAPTAKMDVNGGIKQPNYGIISAVRNSGGVTASMPWTNAYVLAHQGEMHQWVAGGPILQD
SVTGCNAGPDAGVKFDSIATSWGGPYKVIFHTTGSNGAIHLEWSGWQVSLKNSAGTELAIGMGQVFATLHYDPAVSNWRV
EHMFGRINNTNFTCW
;
_entity_poly.pdbx_strand_id   A,B,C
#
# COMPACT_ATOMS: atom_id res chain seq x y z
N ALA A 11 41.99 8.88 35.65
CA ALA A 11 42.90 7.75 35.68
C ALA A 11 44.05 7.96 34.70
N VAL A 12 44.05 7.21 33.60
CA VAL A 12 45.10 7.29 32.59
C VAL A 12 45.08 8.65 31.91
N ASN A 13 46.14 8.95 31.14
CA ASN A 13 46.28 10.18 30.37
C ASN A 13 46.48 9.82 28.90
N GLY A 14 45.75 8.78 28.45
CA GLY A 14 45.84 8.30 27.08
C GLY A 14 45.09 6.99 26.88
N ASN A 15 45.76 6.02 26.26
CA ASN A 15 45.14 4.73 26.00
C ASN A 15 44.82 3.98 27.29
N LEU A 16 43.75 3.21 27.26
CA LEU A 16 43.36 2.35 28.39
C LEU A 16 42.77 1.10 27.74
N ARG A 17 43.57 0.03 27.73
CA ARG A 17 43.23 -1.25 27.12
C ARG A 17 43.03 -2.34 28.16
N PHE A 18 42.13 -3.26 27.83
CA PHE A 18 41.80 -4.41 28.68
C PHE A 18 42.15 -5.67 27.89
N TYR A 19 42.93 -6.57 28.49
CA TYR A 19 43.31 -7.81 27.82
C TYR A 19 42.86 -9.02 28.64
N THR A 20 42.73 -10.17 27.96
CA THR A 20 42.39 -11.43 28.62
C THR A 20 43.33 -12.53 28.13
N ALA A 21 43.62 -13.49 29.01
CA ALA A 21 44.55 -14.64 28.79
C ALA A 21 45.83 -14.15 28.10
N ALA A 22 46.45 -13.09 28.60
CA ALA A 22 47.65 -12.45 27.99
C ALA A 22 48.81 -13.46 27.96
N ALA A 23 49.01 -14.23 29.02
CA ALA A 23 50.12 -15.22 29.04
C ALA A 23 49.90 -16.28 27.96
N GLY A 24 48.67 -16.79 27.82
CA GLY A 24 48.31 -17.83 26.84
C GLY A 24 48.38 -17.37 25.40
N THR A 25 47.85 -16.18 25.10
CA THR A 25 47.83 -15.57 23.74
C THR A 25 47.36 -14.10 23.85
N ASP A 26 48.17 -13.11 23.45
CA ASP A 26 47.82 -11.70 23.56
C ASP A 26 46.47 -11.47 22.91
N SER A 27 45.51 -11.01 23.72
CA SER A 27 44.14 -10.78 23.28
C SER A 27 43.49 -9.55 23.88
N GLU A 28 43.47 -8.45 23.13
CA GLU A 28 42.82 -7.23 23.59
C GLU A 28 41.30 -7.36 23.45
N ARG A 29 40.57 -6.85 24.44
CA ARG A 29 39.11 -6.91 24.45
C ARG A 29 38.44 -5.54 24.31
N MET A 30 38.76 -4.59 25.18
CA MET A 30 38.15 -3.28 25.16
C MET A 30 39.22 -2.20 25.29
N ARG A 31 38.86 -1.00 24.87
CA ARG A 31 39.81 0.10 24.91
C ARG A 31 39.09 1.44 24.97
N ILE A 32 39.60 2.31 25.84
CA ILE A 32 39.10 3.68 26.00
C ILE A 32 40.21 4.58 25.48
N THR A 33 39.99 5.18 24.31
CA THR A 33 41.01 6.00 23.70
C THR A 33 41.15 7.34 24.43
N GLY A 34 42.25 8.04 24.13
CA GLY A 34 42.47 9.34 24.74
C GLY A 34 41.38 10.32 24.35
N SER A 35 40.94 10.26 23.09
CA SER A 35 39.87 11.15 22.62
C SER A 35 38.56 10.89 23.34
N GLY A 36 38.39 9.69 23.90
CA GLY A 36 37.16 9.34 24.61
C GLY A 36 36.28 8.34 23.92
N LEU A 37 36.77 7.65 22.89
CA LEU A 37 35.98 6.65 22.19
C LEU A 37 36.23 5.30 22.85
N VAL A 38 35.22 4.43 22.78
CA VAL A 38 35.29 3.11 23.38
C VAL A 38 35.16 2.06 22.28
N GLY A 39 36.10 1.13 22.25
CA GLY A 39 36.07 0.07 21.28
C GLY A 39 36.08 -1.30 21.93
N ILE A 40 35.14 -2.15 21.53
CA ILE A 40 35.00 -3.50 22.04
C ILE A 40 35.27 -4.41 20.85
N GLY A 41 36.41 -5.07 20.85
CA GLY A 41 36.77 -5.91 19.73
C GLY A 41 37.45 -5.16 18.61
N THR A 42 37.68 -3.85 18.80
CA THR A 42 38.32 -3.02 17.80
C THR A 42 39.42 -2.20 18.49
N PRO A 43 40.65 -2.25 18.02
CA PRO A 43 41.71 -1.45 18.64
C PRO A 43 41.68 0.01 18.21
N ALA A 44 40.73 0.41 17.37
CA ALA A 44 40.63 1.78 16.88
C ALA A 44 39.17 2.14 16.63
N PRO A 45 38.42 2.43 17.70
CA PRO A 45 37.01 2.80 17.52
C PRO A 45 36.87 4.11 16.75
N ALA A 46 35.84 4.16 15.90
CA ALA A 46 35.56 5.34 15.09
C ALA A 46 34.32 6.09 15.54
N VAL A 47 33.62 5.60 16.56
CA VAL A 47 32.42 6.26 17.09
C VAL A 47 32.49 6.17 18.61
N PRO A 48 31.65 6.90 19.35
CA PRO A 48 31.71 6.82 20.82
C PRO A 48 31.78 5.38 21.34
N LEU A 49 31.03 4.47 20.76
CA LEU A 49 31.03 3.07 21.17
C LEU A 49 30.92 2.20 19.94
N GLN A 50 32.02 1.54 19.57
CA GLN A 50 32.07 0.66 18.41
C GLN A 50 32.40 -0.74 18.91
N VAL A 51 31.49 -1.68 18.64
CA VAL A 51 31.63 -3.08 19.04
C VAL A 51 32.01 -3.86 17.79
N ALA A 52 33.14 -4.55 17.83
CA ALA A 52 33.58 -5.29 16.66
C ALA A 52 33.98 -6.74 16.90
N THR A 53 33.81 -7.27 18.12
CA THR A 53 34.16 -8.65 18.36
C THR A 53 33.51 -9.53 17.30
N ARG A 54 34.34 -10.33 16.62
CA ARG A 54 33.85 -11.18 15.56
C ARG A 54 32.81 -12.17 16.06
N VAL A 55 31.68 -12.26 15.36
CA VAL A 55 30.61 -13.20 15.71
C VAL A 55 30.55 -14.12 14.51
N PRO A 56 30.98 -15.38 14.62
CA PRO A 56 30.98 -16.27 13.47
C PRO A 56 29.58 -16.78 13.11
N SER A 57 29.49 -17.35 11.89
CA SER A 57 28.23 -17.92 11.42
C SER A 57 27.79 -19.06 12.31
N SER A 58 28.73 -19.67 13.04
CA SER A 58 28.42 -20.78 13.94
C SER A 58 27.41 -20.36 15.00
N ALA A 59 27.30 -19.05 15.26
CA ALA A 59 26.38 -18.56 16.28
C ALA A 59 24.97 -19.06 16.06
N VAL A 60 24.25 -19.22 17.15
CA VAL A 60 22.87 -19.69 17.16
C VAL A 60 21.99 -18.54 17.64
N HIS A 61 20.72 -18.60 17.29
CA HIS A 61 19.80 -17.57 17.74
C HIS A 61 19.52 -17.78 19.23
N PRO A 62 19.37 -16.72 20.02
CA PRO A 62 19.44 -15.29 19.70
C PRO A 62 20.79 -14.65 20.00
N ASN A 63 21.87 -15.34 19.62
CA ASN A 63 23.22 -14.86 19.88
C ASN A 63 23.96 -14.45 18.61
N ARG A 64 23.22 -14.15 17.55
CA ARG A 64 23.83 -13.77 16.27
C ARG A 64 23.81 -12.25 16.10
N ALA A 65 24.52 -11.56 16.98
CA ALA A 65 24.56 -10.10 16.91
C ALA A 65 25.69 -9.56 17.78
N GLY A 66 26.10 -8.33 17.48
CA GLY A 66 27.16 -7.68 18.21
C GLY A 66 26.72 -7.02 19.50
N ILE A 67 25.58 -6.33 19.47
CA ILE A 67 25.04 -5.63 20.63
C ILE A 67 23.62 -6.12 20.87
N GLN A 68 23.23 -6.25 22.14
CA GLN A 68 21.89 -6.72 22.43
C GLN A 68 21.38 -6.30 23.80
N ALA A 69 20.18 -5.71 23.83
CA ALA A 69 19.49 -5.32 25.04
C ALA A 69 18.56 -6.48 25.40
N VAL A 70 18.25 -6.63 26.68
CA VAL A 70 17.40 -7.75 27.11
C VAL A 70 16.36 -7.30 28.12
N GLY A 71 15.14 -7.85 27.98
CA GLY A 71 14.05 -7.55 28.88
C GLY A 71 13.38 -8.84 29.32
N GLU A 72 12.56 -8.74 30.36
CA GLU A 72 11.89 -9.92 30.88
C GLU A 72 10.62 -9.53 31.61
N GLY A 73 9.59 -10.36 31.50
CA GLY A 73 8.33 -10.12 32.14
C GLY A 73 7.77 -8.72 31.92
N THR A 74 7.58 -7.96 32.99
CA THR A 74 7.04 -6.61 32.88
C THR A 74 8.13 -5.56 32.71
N ASP A 75 9.40 -5.96 32.64
CA ASP A 75 10.46 -4.98 32.49
C ASP A 75 10.47 -4.42 31.06
N VAL A 76 11.13 -3.27 30.92
CA VAL A 76 11.23 -2.57 29.64
C VAL A 76 12.68 -2.41 29.20
N GLY A 77 13.58 -3.25 29.72
CA GLY A 77 14.98 -3.14 29.35
C GLY A 77 15.31 -3.68 27.97
N GLY A 78 14.55 -4.66 27.47
CA GLY A 78 14.83 -5.22 26.17
C GLY A 78 14.40 -4.29 25.05
N ARG A 79 14.93 -3.07 25.10
CA ARG A 79 14.58 -2.04 24.09
C ARG A 79 15.84 -1.22 23.76
N ILE A 80 16.06 -0.92 22.49
CA ILE A 80 17.19 -0.10 22.04
C ILE A 80 16.63 1.24 21.59
N SER A 81 17.30 2.32 21.94
CA SER A 81 16.79 3.63 21.57
C SER A 81 17.87 4.61 21.13
N ALA A 82 17.39 5.62 20.39
CA ALA A 82 18.17 6.74 19.86
C ALA A 82 17.36 7.96 20.27
N LEU A 83 17.98 8.88 21.00
CA LEU A 83 17.31 10.08 21.51
C LEU A 83 17.95 11.34 20.96
N VAL A 84 17.11 12.25 20.47
CA VAL A 84 17.58 13.51 19.92
C VAL A 84 16.64 14.62 20.37
N SER A 85 17.23 15.73 20.85
CA SER A 85 16.49 16.91 21.28
C SER A 85 17.02 18.00 20.33
N SER A 86 16.43 18.07 19.14
CA SER A 86 16.90 19.04 18.17
C SER A 86 15.84 19.33 17.11
N THR A 87 15.86 20.58 16.67
CA THR A 87 14.97 21.03 15.61
C THR A 87 15.52 20.63 14.25
N ILE A 88 16.82 20.38 14.18
CA ILE A 88 17.52 20.05 12.96
C ILE A 88 17.70 18.55 12.75
N GLU A 89 18.34 17.87 13.69
CA GLU A 89 18.62 16.45 13.54
C GLU A 89 17.45 15.59 14.02
N MET A 90 17.56 14.29 13.71
CA MET A 90 16.53 13.31 14.01
C MET A 90 17.13 12.01 14.51
N ALA A 91 16.36 11.34 15.38
CA ALA A 91 16.77 10.05 15.90
C ALA A 91 16.84 9.09 14.73
N THR A 92 17.96 8.38 14.59
CA THR A 92 18.10 7.48 13.45
C THR A 92 18.72 6.14 13.82
N PHE A 93 18.33 5.11 13.07
CA PHE A 93 18.81 3.73 13.16
C PHE A 93 19.50 3.56 11.81
N SER A 94 20.80 3.87 11.76
CA SER A 94 21.54 3.82 10.50
C SER A 94 22.08 2.45 10.15
N GLY A 95 21.84 2.03 8.91
CA GLY A 95 22.31 0.76 8.42
C GLY A 95 23.29 0.99 7.27
N TYR A 96 24.56 0.69 7.49
CA TYR A 96 25.59 0.87 6.47
C TYR A 96 25.93 -0.48 5.84
N GLN A 97 26.01 -0.50 4.52
CA GLN A 97 26.32 -1.71 3.78
C GLN A 97 27.29 -1.44 2.65
N SER A 98 28.25 -2.35 2.49
CA SER A 98 29.26 -2.27 1.44
C SER A 98 29.69 -3.70 1.13
N ALA A 99 30.31 -3.87 -0.02
CA ALA A 99 30.81 -5.17 -0.43
C ALA A 99 32.28 -5.28 -0.02
N GLY A 100 32.91 -6.38 -0.39
CA GLY A 100 34.31 -6.57 -0.06
C GLY A 100 34.57 -6.78 1.41
N THR A 101 35.43 -5.95 2.00
CA THR A 101 35.77 -6.07 3.41
C THR A 101 35.79 -4.69 4.06
N LEU A 102 35.84 -4.68 5.39
CA LEU A 102 35.82 -3.39 6.14
C LEU A 102 37.06 -2.56 5.76
N ALA A 103 38.23 -3.19 5.78
CA ALA A 103 39.49 -2.48 5.46
C ALA A 103 39.42 -1.91 4.05
N ALA A 104 38.88 -2.67 3.10
CA ALA A 104 38.78 -2.22 1.70
C ALA A 104 37.32 -2.31 1.25
N PRO A 105 36.45 -1.35 1.62
CA PRO A 105 35.03 -1.42 1.26
C PRO A 105 34.85 -1.13 -0.23
N THR A 106 34.09 -1.97 -0.93
CA THR A 106 33.81 -1.74 -2.34
C THR A 106 32.32 -1.51 -2.54
N ALA A 107 31.99 -0.90 -3.69
CA ALA A 107 30.62 -0.57 -4.01
C ALA A 107 29.71 -1.79 -4.03
N VAL A 108 28.44 -1.56 -3.63
CA VAL A 108 27.47 -2.64 -3.62
C VAL A 108 27.04 -2.95 -5.06
N THR A 109 26.58 -4.18 -5.25
CA THR A 109 26.11 -4.65 -6.55
C THR A 109 24.58 -4.60 -6.63
N SER A 110 24.07 -4.83 -7.84
CA SER A 110 22.62 -4.84 -8.05
C SER A 110 22.01 -6.05 -7.36
N GLY A 111 20.94 -5.82 -6.61
CA GLY A 111 20.29 -6.89 -5.87
C GLY A 111 20.88 -7.14 -4.50
N GLN A 112 21.94 -6.42 -4.14
CA GLN A 112 22.57 -6.58 -2.84
C GLN A 112 21.68 -6.00 -1.74
N SER A 113 21.52 -6.76 -0.65
CA SER A 113 20.73 -6.29 0.47
C SER A 113 21.57 -5.30 1.26
N LEU A 114 21.00 -4.15 1.60
CA LEU A 114 21.70 -3.09 2.31
C LEU A 114 21.43 -3.11 3.81
N THR A 115 20.17 -3.02 4.21
CA THR A 115 19.79 -3.00 5.61
C THR A 115 18.50 -3.77 5.78
N SER A 116 18.28 -4.28 6.99
CA SER A 116 17.09 -5.07 7.26
C SER A 116 16.66 -4.94 8.70
N LEU A 117 15.34 -5.01 8.90
CA LEU A 117 14.68 -4.97 10.19
C LEU A 117 13.96 -6.32 10.27
N THR A 118 14.56 -7.29 10.95
CA THR A 118 13.97 -8.62 11.04
C THR A 118 13.48 -8.94 12.45
N ALA A 119 12.34 -9.63 12.51
CA ALA A 119 11.73 -10.04 13.76
C ALA A 119 11.80 -11.57 13.85
N PHE A 120 12.38 -12.07 14.93
CA PHE A 120 12.52 -13.50 15.16
C PHE A 120 11.57 -13.91 16.28
N ALA A 121 10.95 -15.09 16.12
CA ALA A 121 9.99 -15.59 17.09
C ALA A 121 10.32 -17.02 17.50
N TYR A 122 10.26 -17.28 18.80
CA TYR A 122 10.53 -18.59 19.36
C TYR A 122 9.33 -19.50 19.20
N ASN A 123 9.59 -20.76 18.88
CA ASN A 123 8.55 -21.77 18.69
C ASN A 123 8.68 -22.88 19.72
N GLY A 124 9.16 -22.53 20.92
CA GLY A 124 9.38 -23.49 21.97
C GLY A 124 10.66 -24.29 21.80
N THR A 125 11.24 -24.27 20.60
CA THR A 125 12.47 -25.00 20.30
C THR A 125 13.57 -24.08 19.82
N GLN A 126 13.27 -23.14 18.94
CA GLN A 126 14.26 -22.19 18.44
C GLN A 126 13.56 -21.04 17.74
N TYR A 127 14.34 -20.21 17.05
CA TYR A 127 13.86 -19.07 16.28
C TYR A 127 13.88 -19.45 14.81
N GLN A 128 13.08 -18.74 14.02
CA GLN A 128 12.97 -19.06 12.59
C GLN A 128 14.17 -18.53 11.81
N SER A 129 14.86 -19.46 11.12
CA SER A 129 15.98 -19.09 10.28
C SER A 129 15.48 -18.19 9.16
N GLY A 130 16.07 -17.02 9.04
CA GLY A 130 15.68 -16.05 8.04
C GLY A 130 14.70 -15.03 8.56
N GLY A 131 14.17 -15.22 9.76
CA GLY A 131 13.24 -14.31 10.36
C GLY A 131 11.79 -14.60 10.00
N ASN A 132 10.90 -14.15 10.87
CA ASN A 132 9.47 -14.34 10.67
C ASN A 132 8.85 -13.20 9.88
N ALA A 133 9.50 -12.04 9.84
CA ALA A 133 9.00 -10.88 9.10
C ALA A 133 10.12 -9.86 8.97
N SER A 134 10.32 -9.39 7.74
CA SER A 134 11.47 -8.48 7.49
C SER A 134 11.13 -7.32 6.56
N ILE A 135 11.60 -6.13 6.89
CA ILE A 135 11.52 -4.96 6.03
C ILE A 135 12.96 -4.78 5.58
N ASN A 136 13.24 -4.98 4.30
CA ASN A 136 14.60 -4.89 3.80
C ASN A 136 14.75 -3.80 2.75
N PHE A 137 15.96 -3.25 2.68
CA PHE A 137 16.34 -2.23 1.72
C PHE A 137 17.30 -2.95 0.79
N VAL A 138 17.04 -2.90 -0.51
CA VAL A 138 17.85 -3.62 -1.48
C VAL A 138 18.30 -2.70 -2.61
N ALA A 139 19.51 -2.96 -3.09
CA ALA A 139 20.07 -2.17 -4.18
C ALA A 139 19.43 -2.60 -5.50
N THR A 140 18.89 -1.63 -6.23
CA THR A 140 18.26 -1.86 -7.52
C THR A 140 19.24 -1.77 -8.68
N GLU A 141 20.49 -1.39 -8.41
CA GLU A 141 21.48 -1.25 -9.47
C GLU A 141 22.86 -1.16 -8.83
N ALA A 142 23.87 -1.56 -9.60
CA ALA A 142 25.24 -1.45 -9.12
C ALA A 142 25.48 0.02 -8.81
N HIS A 143 25.90 0.32 -7.59
CA HIS A 143 26.08 1.71 -7.20
C HIS A 143 27.38 2.29 -7.72
N THR A 144 27.34 3.60 -7.96
CA THR A 144 28.46 4.37 -8.46
C THR A 144 28.34 5.78 -7.90
N ALA A 145 29.24 6.67 -8.32
CA ALA A 145 29.21 8.06 -7.82
C ALA A 145 28.08 8.80 -8.52
N SER A 146 27.43 8.16 -9.48
CA SER A 146 26.34 8.82 -10.25
C SER A 146 25.03 8.09 -9.99
N ALA A 147 25.07 6.93 -9.31
CA ALA A 147 23.84 6.12 -9.15
C ALA A 147 23.79 5.45 -7.78
N GLY A 148 22.71 5.65 -7.04
CA GLY A 148 22.52 5.00 -5.74
C GLY A 148 21.12 4.45 -5.58
N GLY A 149 20.57 3.89 -6.65
CA GLY A 149 19.21 3.37 -6.60
C GLY A 149 19.01 2.30 -5.54
N ALA A 150 17.83 2.33 -4.91
CA ALA A 150 17.47 1.37 -3.87
C ALA A 150 15.95 1.20 -3.85
N LYS A 151 15.51 0.10 -3.21
CA LYS A 151 14.10 -0.25 -3.10
C LYS A 151 13.85 -0.80 -1.71
N ILE A 152 12.58 -0.92 -1.34
CA ILE A 152 12.18 -1.44 -0.04
C ILE A 152 11.25 -2.63 -0.25
N ILE A 153 11.50 -3.72 0.45
CA ILE A 153 10.66 -4.92 0.33
C ILE A 153 10.15 -5.29 1.71
N PHE A 154 8.97 -5.90 1.72
CA PHE A 154 8.29 -6.33 2.94
C PHE A 154 7.99 -7.81 2.79
N ASN A 155 8.64 -8.64 3.62
CA ASN A 155 8.47 -10.09 3.63
C ASN A 155 7.83 -10.54 4.93
N THR A 156 6.91 -11.51 4.84
CA THR A 156 6.25 -12.10 5.99
C THR A 156 6.08 -13.59 5.69
N THR A 157 5.82 -14.37 6.73
CA THR A 157 5.68 -15.81 6.58
C THR A 157 4.21 -16.24 6.64
N ASN A 158 3.79 -17.04 5.68
CA ASN A 158 2.41 -17.51 5.67
C ASN A 158 2.19 -18.53 6.77
N ASN A 159 0.95 -18.58 7.27
CA ASN A 159 0.61 -19.53 8.32
C ASN A 159 0.97 -20.94 7.86
N GLY A 160 1.54 -21.73 8.76
CA GLY A 160 1.95 -23.08 8.43
C GLY A 160 3.24 -23.17 7.68
N ALA A 161 3.91 -22.04 7.44
CA ALA A 161 5.18 -21.99 6.75
C ALA A 161 6.29 -21.66 7.74
N THR A 162 7.53 -21.80 7.27
CA THR A 162 8.70 -21.54 8.10
C THR A 162 9.71 -20.63 7.40
N GLY A 163 9.26 -19.87 6.40
CA GLY A 163 10.14 -18.98 5.68
C GLY A 163 9.43 -17.74 5.19
N SER A 164 10.02 -16.57 5.46
CA SER A 164 9.41 -15.32 5.03
C SER A 164 9.51 -15.16 3.52
N THR A 165 8.41 -14.69 2.92
CA THR A 165 8.32 -14.47 1.48
C THR A 165 8.03 -13.01 1.22
N GLU A 166 8.54 -12.50 0.10
CA GLU A 166 8.35 -11.10 -0.27
C GLU A 166 6.90 -10.86 -0.68
N LYS A 167 6.18 -10.05 0.10
CA LYS A 167 4.80 -9.73 -0.20
C LYS A 167 4.62 -8.38 -0.86
N VAL A 168 5.42 -7.37 -0.48
CA VAL A 168 5.24 -6.05 -1.07
C VAL A 168 6.59 -5.41 -1.41
N VAL A 169 6.55 -4.49 -2.38
CA VAL A 169 7.79 -3.82 -2.79
C VAL A 169 7.51 -2.40 -3.22
N ILE A 170 8.32 -1.47 -2.73
CA ILE A 170 8.33 -0.07 -3.12
C ILE A 170 9.61 0.03 -3.93
N ASP A 171 9.48 0.08 -5.25
CA ASP A 171 10.66 0.08 -6.09
C ASP A 171 11.32 1.46 -6.14
N GLN A 172 12.54 1.46 -6.70
CA GLN A 172 13.30 2.70 -6.86
C GLN A 172 12.50 3.75 -7.59
N ASN A 173 11.67 3.33 -8.54
CA ASN A 173 10.83 4.21 -9.34
C ASN A 173 9.59 4.68 -8.60
N GLY A 174 9.36 4.21 -7.37
CA GLY A 174 8.21 4.60 -6.61
C GLY A 174 7.01 3.70 -6.80
N ASN A 175 7.04 2.81 -7.79
CA ASN A 175 5.93 1.91 -8.03
C ASN A 175 5.81 0.90 -6.90
N VAL A 176 4.61 0.74 -6.38
CA VAL A 176 4.35 -0.22 -5.31
C VAL A 176 3.75 -1.46 -5.95
N GLY A 177 4.27 -2.62 -5.56
CA GLY A 177 3.83 -3.90 -6.07
C GLY A 177 3.42 -4.84 -4.96
N VAL A 178 2.17 -5.29 -5.02
CA VAL A 178 1.60 -6.22 -4.05
C VAL A 178 1.65 -7.59 -4.71
N GLY A 179 2.43 -8.51 -4.15
CA GLY A 179 2.55 -9.80 -4.78
C GLY A 179 3.20 -9.73 -6.14
N VAL A 180 3.89 -8.63 -6.42
CA VAL A 180 4.59 -8.39 -7.68
C VAL A 180 6.01 -7.98 -7.35
N GLY A 181 6.98 -8.55 -8.06
CA GLY A 181 8.37 -8.23 -7.83
C GLY A 181 8.83 -6.95 -8.49
N ALA A 182 8.49 -6.78 -9.77
CA ALA A 182 8.85 -5.60 -10.56
C ALA A 182 7.57 -4.91 -10.97
N PRO A 183 6.98 -4.10 -10.08
CA PRO A 183 5.72 -3.42 -10.43
C PRO A 183 5.91 -2.38 -11.53
N THR A 184 5.19 -2.57 -12.64
CA THR A 184 5.24 -1.64 -13.75
C THR A 184 4.21 -0.53 -13.60
N ALA A 185 3.21 -0.75 -12.75
CA ALA A 185 2.13 0.19 -12.47
C ALA A 185 2.44 0.91 -11.16
N LYS A 186 1.88 2.11 -11.00
CA LYS A 186 2.11 2.83 -9.76
C LYS A 186 1.54 2.05 -8.59
N MET A 187 0.56 1.18 -8.85
CA MET A 187 -0.08 0.28 -7.89
C MET A 187 -0.33 -1.02 -8.66
N ASP A 188 0.66 -1.91 -8.67
CA ASP A 188 0.56 -3.19 -9.39
C ASP A 188 0.10 -4.25 -8.40
N VAL A 189 -1.18 -4.63 -8.49
CA VAL A 189 -1.77 -5.62 -7.61
C VAL A 189 -1.90 -6.96 -8.30
N ASN A 190 -1.51 -8.03 -7.60
CA ASN A 190 -1.63 -9.38 -8.11
C ASN A 190 -2.82 -10.09 -7.46
N GLY A 191 -3.99 -9.49 -7.57
CA GLY A 191 -5.18 -10.07 -6.97
C GLY A 191 -6.39 -9.18 -7.06
N GLY A 192 -7.29 -9.34 -6.10
CA GLY A 192 -8.51 -8.58 -6.06
C GLY A 192 -8.43 -7.29 -5.25
N ILE A 193 -9.28 -6.34 -5.60
CA ILE A 193 -9.37 -5.04 -4.94
C ILE A 193 -10.75 -5.00 -4.28
N LYS A 194 -10.80 -4.76 -2.95
CA LYS A 194 -12.06 -4.80 -2.18
C LYS A 194 -12.30 -3.43 -1.52
N GLN A 195 -13.50 -2.86 -1.65
CA GLN A 195 -13.90 -1.61 -1.03
C GLN A 195 -15.10 -1.87 -0.13
N PRO A 196 -15.47 -0.92 0.72
CA PRO A 196 -16.62 -1.14 1.61
C PRO A 196 -17.95 -1.26 0.88
N ASN A 197 -18.85 -2.03 1.48
CA ASN A 197 -20.20 -2.20 0.96
C ASN A 197 -21.01 -1.03 1.52
N TYR A 198 -21.34 -0.07 0.66
CA TYR A 198 -22.07 1.12 1.08
C TYR A 198 -23.59 0.96 0.94
N GLY A 199 -24.08 -0.27 0.82
CA GLY A 199 -25.51 -0.47 0.72
C GLY A 199 -26.10 -0.02 -0.61
N ILE A 200 -27.36 0.39 -0.55
CA ILE A 200 -28.12 0.85 -1.71
C ILE A 200 -28.40 2.34 -1.58
N ILE A 201 -28.45 3.01 -2.73
CA ILE A 201 -28.68 4.44 -2.83
C ILE A 201 -30.12 4.72 -3.25
N SER A 202 -30.66 5.82 -2.74
CA SER A 202 -32.02 6.21 -3.08
C SER A 202 -32.13 7.73 -3.10
N ALA A 203 -32.81 8.25 -4.12
CA ALA A 203 -33.00 9.70 -4.27
C ALA A 203 -34.30 9.91 -5.05
N VAL A 204 -35.39 10.17 -4.33
CA VAL A 204 -36.70 10.36 -4.98
C VAL A 204 -37.19 11.76 -4.67
N ARG A 205 -37.52 12.50 -5.73
CA ARG A 205 -38.05 13.86 -5.63
C ARG A 205 -39.35 13.92 -6.43
N ASN A 206 -40.49 13.95 -5.74
CA ASN A 206 -41.78 13.99 -6.42
C ASN A 206 -42.71 14.94 -5.70
N SER A 207 -43.94 15.06 -6.23
CA SER A 207 -44.95 15.91 -5.61
C SER A 207 -45.22 15.46 -4.18
N GLY A 208 -45.09 14.15 -3.92
CA GLY A 208 -45.31 13.65 -2.58
C GLY A 208 -44.26 14.08 -1.58
N GLY A 209 -43.10 14.49 -2.06
CA GLY A 209 -42.05 14.94 -1.16
C GLY A 209 -40.67 14.59 -1.69
N VAL A 210 -39.69 14.69 -0.79
CA VAL A 210 -38.29 14.43 -1.09
C VAL A 210 -37.73 13.45 -0.07
N THR A 211 -37.13 12.37 -0.56
CA THR A 211 -36.53 11.38 0.31
C THR A 211 -35.21 10.94 -0.30
N ALA A 212 -34.24 10.62 0.55
CA ALA A 212 -32.95 10.19 0.05
C ALA A 212 -32.23 9.35 1.10
N SER A 213 -31.58 8.30 0.63
CA SER A 213 -30.80 7.36 1.42
C SER A 213 -29.41 7.41 0.78
N MET A 214 -28.50 8.17 1.40
CA MET A 214 -27.13 8.36 0.93
C MET A 214 -26.14 7.89 1.98
N PRO A 215 -25.24 6.96 1.65
CA PRO A 215 -24.28 6.50 2.66
C PRO A 215 -23.24 7.54 3.06
N TRP A 216 -23.18 8.68 2.38
CA TRP A 216 -22.22 9.73 2.71
C TRP A 216 -22.95 11.03 2.99
N THR A 217 -22.19 12.00 3.51
CA THR A 217 -22.70 13.32 3.82
C THR A 217 -22.08 14.34 2.89
N ASN A 218 -22.78 15.47 2.74
CA ASN A 218 -22.30 16.54 1.87
C ASN A 218 -20.83 16.83 2.14
N ALA A 219 -20.49 17.07 3.41
CA ALA A 219 -19.11 17.37 3.78
C ALA A 219 -18.16 16.26 3.33
N TYR A 220 -18.51 15.00 3.62
CA TYR A 220 -17.65 13.89 3.24
C TYR A 220 -17.35 13.89 1.75
N VAL A 221 -18.40 13.94 0.93
CA VAL A 221 -18.20 13.94 -0.52
C VAL A 221 -17.35 15.12 -0.94
N LEU A 222 -17.57 16.29 -0.33
CA LEU A 222 -16.78 17.46 -0.69
C LEU A 222 -15.32 17.28 -0.32
N ALA A 223 -15.03 16.49 0.72
CA ALA A 223 -13.67 16.26 1.16
C ALA A 223 -13.06 14.99 0.55
N HIS A 224 -13.75 14.41 -0.42
CA HIS A 224 -13.28 13.13 -1.02
C HIS A 224 -13.50 13.18 -2.53
N GLN A 225 -13.21 14.32 -3.14
CA GLN A 225 -13.41 14.51 -4.57
C GLN A 225 -12.48 13.60 -5.37
N GLY A 226 -13.03 13.02 -6.44
CA GLY A 226 -12.29 12.13 -7.31
C GLY A 226 -12.13 10.72 -6.81
N GLU A 227 -12.88 10.31 -5.80
CA GLU A 227 -12.78 8.95 -5.26
C GLU A 227 -13.86 8.05 -5.85
N MET A 228 -13.45 6.87 -6.29
CA MET A 228 -14.35 5.88 -6.88
C MET A 228 -14.63 4.79 -5.86
N HIS A 229 -15.89 4.37 -5.80
CA HIS A 229 -16.33 3.32 -4.89
C HIS A 229 -17.14 2.31 -5.68
N GLN A 230 -16.71 1.06 -5.70
CA GLN A 230 -17.41 -0.01 -6.39
C GLN A 230 -17.78 -1.07 -5.38
N TRP A 231 -18.96 -1.65 -5.52
CA TRP A 231 -19.41 -2.69 -4.58
C TRP A 231 -20.67 -3.34 -5.15
N VAL A 232 -21.23 -4.30 -4.41
CA VAL A 232 -22.41 -5.03 -4.86
C VAL A 232 -23.55 -4.87 -3.85
N ALA A 233 -24.73 -4.53 -4.35
CA ALA A 233 -25.92 -4.36 -3.53
C ALA A 233 -27.12 -4.15 -4.44
N GLY A 234 -28.31 -4.23 -3.84
N GLY A 234 -28.31 -4.23 -3.84
CA GLY A 234 -29.55 -4.06 -4.58
CA GLY A 234 -29.55 -4.06 -4.58
C GLY A 234 -29.58 -2.77 -5.40
C GLY A 234 -29.58 -2.77 -5.40
N GLY A 235 -30.50 -2.70 -6.36
CA GLY A 235 -30.62 -1.54 -7.21
C GLY A 235 -31.10 -0.29 -6.51
N PRO A 236 -30.83 0.87 -7.12
CA PRO A 236 -31.26 2.14 -6.53
C PRO A 236 -32.64 2.57 -7.00
N ILE A 237 -33.27 3.42 -6.19
CA ILE A 237 -34.59 3.99 -6.46
C ILE A 237 -34.36 5.48 -6.67
N LEU A 238 -34.45 5.93 -7.92
CA LEU A 238 -34.18 7.31 -8.27
C LEU A 238 -35.30 7.97 -9.05
N GLN A 239 -35.54 9.26 -8.75
CA GLN A 239 -36.57 9.98 -9.47
C GLN A 239 -36.62 11.46 -9.06
N ASP A 240 -36.87 12.33 -10.05
CA ASP A 240 -37.03 13.80 -9.82
C ASP A 240 -38.01 14.37 -10.87
N SER A 241 -39.32 14.18 -10.71
CA SER A 241 -40.34 14.58 -11.67
C SER A 241 -40.63 16.07 -11.63
N VAL A 242 -39.94 16.83 -10.79
CA VAL A 242 -40.18 18.25 -10.62
C VAL A 242 -39.14 19.19 -11.23
N THR A 243 -37.87 19.15 -10.79
CA THR A 243 -36.87 20.07 -11.33
C THR A 243 -35.66 19.42 -12.01
N GLY A 244 -34.93 18.58 -11.29
CA GLY A 244 -33.70 18.02 -11.88
C GLY A 244 -34.01 17.11 -13.05
N CYS A 245 -34.83 16.09 -12.83
CA CYS A 245 -35.19 15.11 -13.88
C CYS A 245 -36.57 15.48 -14.44
N ASN A 246 -36.75 16.72 -14.86
CA ASN A 246 -38.11 17.19 -15.28
C ASN A 246 -38.32 17.02 -16.78
N ALA A 247 -37.26 17.04 -17.58
CA ALA A 247 -37.52 16.99 -19.03
C ALA A 247 -36.86 15.78 -19.67
N GLY A 248 -36.94 15.71 -20.99
CA GLY A 248 -36.31 14.66 -21.76
C GLY A 248 -37.32 13.72 -22.39
N PRO A 249 -36.84 12.74 -23.16
CA PRO A 249 -37.78 11.79 -23.79
C PRO A 249 -38.67 11.12 -22.76
N ASP A 250 -38.03 10.63 -21.70
CA ASP A 250 -38.76 10.03 -20.55
C ASP A 250 -38.55 11.02 -19.39
N ALA A 251 -39.51 11.92 -19.17
CA ALA A 251 -39.32 13.02 -18.19
C ALA A 251 -39.45 12.77 -16.67
N GLY A 252 -40.59 12.26 -16.22
CA GLY A 252 -40.71 11.97 -14.77
C GLY A 252 -40.57 10.50 -14.36
N VAL A 253 -39.67 9.76 -14.99
CA VAL A 253 -39.57 8.29 -14.74
C VAL A 253 -38.98 7.98 -13.36
N LYS A 254 -39.43 6.87 -12.76
CA LYS A 254 -38.84 6.40 -11.49
C LYS A 254 -38.15 5.07 -11.75
N PHE A 255 -36.84 5.01 -11.54
CA PHE A 255 -36.04 3.79 -11.69
C PHE A 255 -36.25 3.02 -10.39
N ASP A 256 -37.39 2.34 -10.28
CA ASP A 256 -37.76 1.63 -9.05
C ASP A 256 -37.12 0.24 -8.99
N SER A 257 -36.00 0.15 -8.30
CA SER A 257 -35.30 -1.12 -8.14
C SER A 257 -35.92 -1.95 -7.03
N ILE A 258 -35.96 -3.26 -7.23
CA ILE A 258 -36.48 -4.21 -6.25
C ILE A 258 -35.28 -4.86 -5.58
N ALA A 259 -35.25 -4.84 -4.25
CA ALA A 259 -34.14 -5.43 -3.52
C ALA A 259 -34.10 -6.93 -3.76
N THR A 260 -32.98 -7.41 -4.31
CA THR A 260 -32.86 -8.83 -4.59
C THR A 260 -31.54 -9.37 -4.05
N SER A 261 -31.49 -10.69 -3.87
CA SER A 261 -30.26 -11.33 -3.40
C SER A 261 -29.16 -11.17 -4.43
N TRP A 262 -29.53 -11.11 -5.71
CA TRP A 262 -28.55 -10.97 -6.79
C TRP A 262 -27.94 -9.57 -6.82
N GLY A 263 -28.75 -8.55 -6.56
CA GLY A 263 -28.25 -7.19 -6.55
C GLY A 263 -27.55 -6.80 -7.83
N GLY A 264 -26.57 -5.92 -7.70
CA GLY A 264 -25.81 -5.43 -8.83
C GLY A 264 -24.62 -4.58 -8.40
N PRO A 265 -23.70 -4.34 -9.33
CA PRO A 265 -22.52 -3.54 -8.98
C PRO A 265 -22.64 -2.02 -9.11
N TYR A 266 -22.53 -1.35 -7.97
CA TYR A 266 -22.54 0.10 -7.91
C TYR A 266 -21.14 0.59 -8.23
N LYS A 267 -21.05 1.68 -8.98
CA LYS A 267 -19.79 2.34 -9.36
C LYS A 267 -20.11 3.83 -9.17
N VAL A 268 -19.70 4.40 -8.04
CA VAL A 268 -19.98 5.79 -7.71
C VAL A 268 -18.69 6.58 -7.51
N ILE A 269 -18.55 7.67 -8.26
CA ILE A 269 -17.38 8.53 -8.15
C ILE A 269 -17.83 9.91 -7.69
N PHE A 270 -17.02 10.54 -6.85
CA PHE A 270 -17.34 11.84 -6.28
C PHE A 270 -16.92 13.01 -7.16
N HIS A 271 -17.76 14.05 -7.18
CA HIS A 271 -17.52 15.27 -7.93
C HIS A 271 -18.16 16.41 -7.16
N THR A 272 -18.19 17.60 -7.77
CA THR A 272 -18.77 18.75 -7.10
C THR A 272 -19.41 19.72 -8.07
N THR A 273 -20.30 20.54 -7.52
CA THR A 273 -20.95 21.60 -8.26
C THR A 273 -20.13 22.88 -8.21
N GLY A 274 -19.24 22.97 -7.22
CA GLY A 274 -18.44 24.13 -6.93
C GLY A 274 -18.82 24.71 -5.59
N SER A 275 -19.99 24.32 -5.08
CA SER A 275 -20.53 24.74 -3.80
C SER A 275 -21.14 23.58 -3.01
N ASN A 276 -21.28 22.39 -3.60
CA ASN A 276 -21.86 21.26 -2.90
C ASN A 276 -21.40 19.97 -3.56
N GLY A 277 -21.53 18.87 -2.82
CA GLY A 277 -21.11 17.58 -3.32
C GLY A 277 -22.06 17.00 -4.36
N ALA A 278 -21.47 16.33 -5.36
CA ALA A 278 -22.18 15.69 -6.45
C ALA A 278 -21.57 14.30 -6.62
N ILE A 279 -22.34 13.40 -7.24
CA ILE A 279 -21.84 12.05 -7.45
C ILE A 279 -22.36 11.50 -8.78
N HIS A 280 -21.50 10.72 -9.44
CA HIS A 280 -21.80 10.03 -10.68
C HIS A 280 -21.98 8.58 -10.29
N LEU A 281 -23.20 8.06 -10.43
CA LEU A 281 -23.54 6.70 -10.06
C LEU A 281 -23.87 5.85 -11.27
N GLU A 282 -23.43 4.59 -11.21
CA GLU A 282 -23.70 3.61 -12.26
C GLU A 282 -24.12 2.32 -11.59
N TRP A 283 -25.17 1.69 -12.12
CA TRP A 283 -25.62 0.43 -11.53
C TRP A 283 -26.38 -0.41 -12.55
N SER A 284 -26.12 -1.72 -12.51
CA SER A 284 -26.77 -2.69 -13.38
C SER A 284 -27.18 -3.88 -12.51
N GLY A 285 -28.30 -4.50 -12.84
CA GLY A 285 -28.73 -5.65 -12.05
C GLY A 285 -30.20 -5.96 -12.14
N TRP A 286 -30.64 -6.83 -11.20
CA TRP A 286 -31.99 -7.34 -11.03
C TRP A 286 -32.55 -6.98 -9.67
N GLN A 287 -33.87 -6.78 -9.53
CA GLN A 287 -34.90 -6.57 -10.57
C GLN A 287 -35.35 -5.11 -10.55
N VAL A 288 -35.55 -4.52 -11.73
CA VAL A 288 -35.85 -3.09 -11.77
C VAL A 288 -37.10 -2.85 -12.62
N SER A 289 -37.97 -1.96 -12.14
CA SER A 289 -39.21 -1.60 -12.81
C SER A 289 -39.19 -0.11 -13.12
N LEU A 290 -39.44 0.25 -14.37
CA LEU A 290 -39.49 1.64 -14.78
C LEU A 290 -40.92 2.13 -14.61
N LYS A 291 -41.09 3.28 -13.96
CA LYS A 291 -42.41 3.84 -13.72
C LYS A 291 -42.43 5.30 -14.16
N ASN A 292 -43.61 5.79 -14.54
CA ASN A 292 -43.74 7.17 -14.95
C ASN A 292 -44.12 8.04 -13.74
N SER A 293 -44.16 9.35 -13.94
CA SER A 293 -44.51 10.25 -12.85
C SER A 293 -45.80 9.82 -12.17
N ALA A 294 -46.76 9.29 -12.95
CA ALA A 294 -48.02 8.84 -12.39
C ALA A 294 -47.81 7.60 -11.52
N GLY A 295 -46.79 6.81 -11.81
CA GLY A 295 -46.51 5.60 -11.06
C GLY A 295 -46.86 4.32 -11.80
N THR A 296 -47.21 4.40 -13.08
CA THR A 296 -47.54 3.22 -13.86
C THR A 296 -46.26 2.53 -14.31
N GLU A 297 -46.25 1.20 -14.21
CA GLU A 297 -45.07 0.43 -14.58
C GLU A 297 -44.98 0.24 -16.09
N LEU A 298 -43.87 0.68 -16.67
CA LEU A 298 -43.63 0.56 -18.10
C LEU A 298 -42.88 -0.72 -18.47
N ALA A 299 -42.03 -1.23 -17.58
CA ALA A 299 -41.27 -2.44 -17.85
C ALA A 299 -40.67 -2.93 -16.53
N ILE A 300 -40.34 -4.22 -16.48
CA ILE A 300 -39.78 -4.82 -15.28
C ILE A 300 -38.78 -5.91 -15.66
N GLY A 301 -37.64 -5.91 -14.97
CA GLY A 301 -36.61 -6.91 -15.20
C GLY A 301 -35.20 -6.39 -14.98
N MET A 302 -34.32 -6.62 -15.95
CA MET A 302 -32.94 -6.15 -15.86
C MET A 302 -32.91 -4.63 -16.00
N GLY A 303 -32.21 -3.96 -15.11
CA GLY A 303 -32.12 -2.50 -15.15
C GLY A 303 -30.70 -2.02 -15.09
N GLN A 304 -30.40 -1.03 -15.94
CA GLN A 304 -29.06 -0.39 -15.97
C GLN A 304 -29.28 1.12 -15.92
N VAL A 305 -28.45 1.86 -15.18
CA VAL A 305 -28.65 3.31 -15.07
C VAL A 305 -27.36 4.02 -14.75
N PHE A 306 -27.26 5.26 -15.26
CA PHE A 306 -26.19 6.21 -15.00
C PHE A 306 -26.92 7.45 -14.50
N ALA A 307 -26.46 8.04 -13.41
CA ALA A 307 -27.14 9.22 -12.88
C ALA A 307 -26.13 10.17 -12.25
N THR A 308 -26.51 11.45 -12.21
CA THR A 308 -25.66 12.50 -11.62
C THR A 308 -26.51 13.20 -10.56
N LEU A 309 -26.22 12.86 -9.30
CA LEU A 309 -26.99 13.44 -8.16
C LEU A 309 -26.11 14.48 -7.47
N HIS A 310 -26.74 15.37 -6.70
CA HIS A 310 -25.96 16.39 -5.95
C HIS A 310 -26.80 16.87 -4.76
N TYR A 311 -26.14 17.24 -3.67
CA TYR A 311 -26.85 17.73 -2.50
C TYR A 311 -27.39 19.12 -2.77
N ASP A 312 -28.71 19.27 -2.75
CA ASP A 312 -29.35 20.55 -2.98
C ASP A 312 -29.75 21.14 -1.64
N PRO A 313 -29.09 22.19 -1.14
CA PRO A 313 -29.48 22.72 0.17
C PRO A 313 -30.87 23.32 0.17
N ALA A 314 -31.32 23.86 -0.96
CA ALA A 314 -32.66 24.44 -1.03
C ALA A 314 -33.72 23.42 -0.65
N VAL A 315 -33.47 22.14 -0.92
CA VAL A 315 -34.41 21.07 -0.59
C VAL A 315 -33.93 20.24 0.59
N SER A 316 -32.81 20.61 1.21
CA SER A 316 -32.24 19.92 2.36
C SER A 316 -32.00 18.44 2.12
N ASN A 317 -31.66 18.05 0.89
CA ASN A 317 -31.40 16.63 0.62
C ASN A 317 -30.78 16.48 -0.76
N TRP A 318 -30.41 15.23 -1.08
CA TRP A 318 -29.81 14.90 -2.36
C TRP A 318 -30.91 14.71 -3.41
N ARG A 319 -30.64 15.16 -4.63
CA ARG A 319 -31.61 15.03 -5.71
C ARG A 319 -30.87 14.72 -7.01
N VAL A 320 -31.60 14.08 -7.94
CA VAL A 320 -30.97 13.66 -9.23
C VAL A 320 -31.08 14.83 -10.22
N GLU A 321 -29.95 15.24 -10.79
CA GLU A 321 -29.94 16.35 -11.78
C GLU A 321 -30.25 15.78 -13.17
N HIS A 322 -29.67 14.63 -13.50
CA HIS A 322 -29.96 13.99 -14.82
C HIS A 322 -29.53 12.53 -14.78
N MET A 323 -30.38 11.65 -15.29
CA MET A 323 -30.07 10.20 -15.31
C MET A 323 -30.57 9.57 -16.61
N PHE A 324 -29.92 8.49 -17.04
CA PHE A 324 -30.37 7.75 -18.25
C PHE A 324 -29.93 6.30 -18.10
N GLY A 325 -30.73 5.37 -18.61
CA GLY A 325 -30.42 3.94 -18.49
C GLY A 325 -31.33 3.08 -19.34
N ARG A 326 -31.50 1.82 -18.95
CA ARG A 326 -32.31 0.90 -19.79
C ARG A 326 -32.99 -0.19 -18.96
N ILE A 327 -34.31 -0.29 -19.05
CA ILE A 327 -35.01 -1.42 -18.38
C ILE A 327 -35.28 -2.42 -19.49
N ASN A 328 -34.65 -3.60 -19.39
CA ASN A 328 -34.75 -4.62 -20.46
C ASN A 328 -34.28 -3.94 -21.73
N ASN A 329 -35.04 -4.03 -22.82
CA ASN A 329 -34.56 -3.49 -24.12
C ASN A 329 -35.06 -2.06 -24.35
N THR A 330 -35.54 -1.38 -23.32
CA THR A 330 -36.10 -0.01 -23.50
C THR A 330 -35.16 1.04 -22.89
N ASN A 331 -34.89 2.13 -23.59
CA ASN A 331 -33.98 3.17 -23.13
C ASN A 331 -34.78 4.36 -22.62
N PHE A 332 -34.24 5.00 -21.60
CA PHE A 332 -34.87 6.16 -20.97
C PHE A 332 -33.80 7.20 -20.68
N THR A 333 -34.16 8.46 -20.93
CA THR A 333 -33.22 9.57 -20.70
C THR A 333 -33.99 10.62 -19.91
N CYS A 334 -33.40 11.19 -18.87
CA CYS A 334 -34.19 12.08 -17.99
C CYS A 334 -33.35 13.25 -17.46
N TRP A 335 -33.48 14.42 -18.06
CA TRP A 335 -32.78 15.62 -17.53
C TRP A 335 -33.84 16.61 -17.02
N ASN B 15 30.10 4.39 43.22
CA ASN B 15 30.31 5.05 41.94
C ASN B 15 31.75 4.79 41.48
N LEU B 16 31.96 4.69 40.16
CA LEU B 16 33.29 4.45 39.62
C LEU B 16 33.43 5.24 38.33
N ARG B 17 34.33 6.22 38.31
CA ARG B 17 34.54 7.04 37.13
C ARG B 17 35.85 6.69 36.45
N PHE B 18 35.86 6.80 35.11
CA PHE B 18 37.08 6.54 34.32
C PHE B 18 37.48 7.83 33.62
N TYR B 19 38.52 8.51 34.09
CA TYR B 19 38.89 9.83 33.51
C TYR B 19 40.09 9.69 32.56
N THR B 20 40.25 10.64 31.64
CA THR B 20 41.43 10.65 30.74
C THR B 20 42.25 11.91 31.03
N ALA B 21 43.50 11.75 31.47
CA ALA B 21 44.35 12.91 31.83
C ALA B 21 43.65 13.77 32.88
N ASP B 26 41.74 15.71 31.41
CA ASP B 26 41.00 15.45 32.67
C ASP B 26 39.50 15.34 32.38
N SER B 27 39.13 14.80 31.21
CA SER B 27 37.68 14.59 30.97
C SER B 27 37.25 13.19 31.39
N GLU B 28 36.11 13.08 32.10
CA GLU B 28 35.58 11.74 32.47
C GLU B 28 34.94 11.11 31.24
N ARG B 29 35.35 9.90 30.88
CA ARG B 29 34.82 9.26 29.64
C ARG B 29 33.73 8.25 30.02
N MET B 30 34.00 7.38 30.98
CA MET B 30 33.01 6.33 31.34
C MET B 30 32.70 6.36 32.85
N ARG B 31 31.49 5.93 33.22
CA ARG B 31 31.09 5.88 34.64
C ARG B 31 30.17 4.70 34.94
N ILE B 32 30.44 3.98 36.02
CA ILE B 32 29.58 2.90 36.49
C ILE B 32 29.04 3.41 37.82
N THR B 33 27.77 3.81 37.83
CA THR B 33 27.18 4.38 39.05
C THR B 33 26.90 3.31 40.10
N GLY B 34 26.66 3.77 41.32
CA GLY B 34 26.34 2.85 42.40
C GLY B 34 25.09 2.05 42.13
N SER B 35 24.09 2.70 41.53
CA SER B 35 22.84 2.01 41.21
C SER B 35 23.07 0.91 40.19
N GLY B 36 24.13 1.01 39.39
CA GLY B 36 24.45 0.01 38.39
C GLY B 36 24.27 0.47 36.96
N LEU B 37 24.10 1.76 36.70
CA LEU B 37 23.94 2.27 35.36
C LEU B 37 25.31 2.63 34.82
N VAL B 38 25.46 2.54 33.50
CA VAL B 38 26.73 2.81 32.84
C VAL B 38 26.55 3.98 31.88
N GLY B 39 27.42 4.98 32.01
CA GLY B 39 27.37 6.15 31.16
C GLY B 39 28.66 6.38 30.40
N ILE B 40 28.55 6.55 29.08
CA ILE B 40 29.68 6.80 28.20
C ILE B 40 29.44 8.19 27.63
N GLY B 41 30.22 9.17 28.08
CA GLY B 41 30.04 10.53 27.65
C GLY B 41 29.01 11.28 28.45
N THR B 42 28.41 10.64 29.46
CA THR B 42 27.41 11.26 30.30
C THR B 42 27.75 11.00 31.76
N PRO B 43 27.84 12.04 32.60
CA PRO B 43 28.14 11.81 34.02
C PRO B 43 26.91 11.38 34.82
N ALA B 44 25.76 11.20 34.17
CA ALA B 44 24.53 10.80 34.86
C ALA B 44 23.67 9.97 33.92
N PRO B 45 24.01 8.70 33.72
CA PRO B 45 23.20 7.86 32.82
C PRO B 45 21.81 7.63 33.37
N ALA B 46 20.83 7.58 32.46
CA ALA B 46 19.44 7.35 32.82
C ALA B 46 18.91 5.98 32.41
N VAL B 47 19.73 5.15 31.77
CA VAL B 47 19.35 3.81 31.36
C VAL B 47 20.52 2.89 31.64
N PRO B 48 20.35 1.57 31.59
CA PRO B 48 21.49 0.66 31.85
C PRO B 48 22.78 1.05 31.14
N LEU B 49 22.69 1.47 29.88
CA LEU B 49 23.85 1.88 29.10
C LEU B 49 23.44 3.07 28.26
N GLN B 50 23.95 4.24 28.60
CA GLN B 50 23.66 5.49 27.91
C GLN B 50 24.94 6.06 27.32
N VAL B 51 24.96 6.21 26.00
CA VAL B 51 26.09 6.76 25.26
C VAL B 51 25.71 8.18 24.88
N ALA B 52 26.55 9.15 25.27
CA ALA B 52 26.29 10.55 24.98
C ALA B 52 27.47 11.35 24.46
N THR B 53 28.62 10.72 24.22
CA THR B 53 29.79 11.45 23.72
C THR B 53 29.41 12.27 22.51
N ARG B 54 29.79 13.55 22.53
CA ARG B 54 29.43 14.49 21.43
C ARG B 54 30.05 14.04 20.10
N VAL B 55 29.22 13.86 19.07
CA VAL B 55 29.68 13.53 17.73
C VAL B 55 29.26 14.76 16.92
N PRO B 56 30.19 15.61 16.49
CA PRO B 56 29.79 16.81 15.74
C PRO B 56 29.35 16.50 14.32
N SER B 57 28.71 17.51 13.72
CA SER B 57 28.24 17.37 12.34
C SER B 57 29.40 17.12 11.39
N SER B 58 30.62 17.49 11.79
CA SER B 58 31.78 17.30 10.94
C SER B 58 32.02 15.82 10.62
N ALA B 59 31.49 14.91 11.43
CA ALA B 59 31.69 13.48 11.21
C ALA B 59 31.29 13.08 9.80
N VAL B 60 31.99 12.07 9.29
CA VAL B 60 31.76 11.54 7.95
C VAL B 60 31.23 10.11 8.07
N HIS B 61 30.63 9.64 6.99
CA HIS B 61 30.11 8.29 6.97
C HIS B 61 31.28 7.30 6.91
N PRO B 62 31.19 6.15 7.58
CA PRO B 62 30.12 5.63 8.44
C PRO B 62 30.40 5.83 9.93
N ASN B 63 30.87 7.02 10.29
CA ASN B 63 31.19 7.34 11.68
C ASN B 63 30.23 8.36 12.27
N ARG B 64 29.04 8.49 11.69
CA ARG B 64 28.03 9.45 12.16
C ARG B 64 26.98 8.76 13.04
N ALA B 65 27.42 8.27 14.19
CA ALA B 65 26.50 7.61 15.11
C ALA B 65 27.16 7.46 16.46
N GLY B 66 26.33 7.30 17.49
CA GLY B 66 26.82 7.14 18.84
C GLY B 66 27.27 5.72 19.13
N ILE B 67 26.46 4.75 18.71
CA ILE B 67 26.75 3.34 18.92
C ILE B 67 26.73 2.66 17.57
N GLN B 68 27.63 1.70 17.36
CA GLN B 68 27.68 1.02 16.07
C GLN B 68 28.25 -0.38 16.16
N ALA B 69 27.50 -1.34 15.61
CA ALA B 69 27.93 -2.73 15.51
C ALA B 69 28.56 -2.89 14.13
N VAL B 70 29.49 -3.83 14.01
CA VAL B 70 30.18 -4.05 12.75
C VAL B 70 30.29 -5.53 12.44
N GLY B 71 30.20 -5.84 11.14
CA GLY B 71 30.30 -7.20 10.67
C GLY B 71 31.33 -7.29 9.56
N GLU B 72 31.67 -8.52 9.21
CA GLU B 72 32.67 -8.78 8.17
C GLU B 72 32.38 -10.11 7.51
N GLY B 73 32.50 -10.12 6.18
CA GLY B 73 32.30 -11.34 5.43
C GLY B 73 31.10 -12.15 5.86
N THR B 74 31.38 -13.35 6.36
CA THR B 74 30.39 -14.31 6.82
C THR B 74 29.99 -14.12 8.28
N ASP B 75 30.57 -13.16 8.98
CA ASP B 75 30.21 -12.96 10.39
C ASP B 75 28.82 -12.33 10.50
N VAL B 76 28.26 -12.43 11.70
CA VAL B 76 26.94 -11.89 11.99
C VAL B 76 27.01 -10.83 13.09
N GLY B 77 28.19 -10.24 13.31
CA GLY B 77 28.34 -9.23 14.35
C GLY B 77 27.77 -7.87 14.00
N GLY B 78 27.74 -7.51 12.73
CA GLY B 78 27.22 -6.23 12.32
C GLY B 78 25.70 -6.22 12.36
N ARG B 79 25.16 -6.53 13.53
CA ARG B 79 23.71 -6.58 13.76
C ARG B 79 23.42 -6.08 15.18
N ILE B 80 22.40 -5.21 15.30
CA ILE B 80 21.99 -4.63 16.63
C ILE B 80 20.65 -5.28 17.01
N SER B 81 20.50 -5.77 18.24
CA SER B 81 19.31 -6.51 18.63
C SER B 81 18.76 -6.12 19.99
N ALA B 82 17.46 -6.44 20.14
CA ALA B 82 16.68 -6.22 21.35
C ALA B 82 15.96 -7.54 21.59
N LEU B 83 16.13 -8.14 22.76
CA LEU B 83 15.54 -9.43 23.07
C LEU B 83 14.60 -9.33 24.27
N VAL B 84 13.41 -9.91 24.12
CA VAL B 84 12.41 -9.91 25.18
C VAL B 84 11.76 -11.29 25.26
N SER B 85 11.62 -11.80 26.48
CA SER B 85 10.98 -13.09 26.76
C SER B 85 9.79 -12.73 27.65
N SER B 86 8.67 -12.37 27.04
CA SER B 86 7.51 -11.99 27.83
C SER B 86 6.24 -12.04 27.00
N THR B 87 5.14 -12.39 27.67
CA THR B 87 3.83 -12.44 27.04
C THR B 87 3.23 -11.04 26.94
N ILE B 88 3.69 -10.13 27.80
CA ILE B 88 3.19 -8.76 27.86
C ILE B 88 4.03 -7.78 27.05
N GLU B 89 5.33 -7.70 27.33
CA GLU B 89 6.19 -6.76 26.64
C GLU B 89 6.72 -7.35 25.33
N MET B 90 7.30 -6.45 24.52
CA MET B 90 7.83 -6.82 23.21
C MET B 90 9.14 -6.11 22.92
N ALA B 91 10.00 -6.76 22.13
CA ALA B 91 11.26 -6.17 21.73
C ALA B 91 10.96 -4.91 20.93
N THR B 92 11.62 -3.81 21.27
CA THR B 92 11.36 -2.55 20.59
C THR B 92 12.65 -1.79 20.30
N PHE B 93 12.60 -1.01 19.21
CA PHE B 93 13.66 -0.12 18.74
C PHE B 93 12.96 1.23 18.91
N SER B 94 13.13 1.84 20.09
CA SER B 94 12.46 3.08 20.43
C SER B 94 13.19 4.32 19.93
N GLY B 95 12.46 5.21 19.26
CA GLY B 95 13.04 6.44 18.76
C GLY B 95 12.38 7.63 19.44
N TYR B 96 13.11 8.33 20.30
CA TYR B 96 12.60 9.50 21.01
C TYR B 96 13.14 10.76 20.34
N GLN B 97 12.25 11.72 20.10
CA GLN B 97 12.68 12.97 19.45
C GLN B 97 11.95 14.14 20.10
N SER B 98 12.68 15.23 20.30
CA SER B 98 12.14 16.44 20.90
C SER B 98 12.87 17.65 20.34
N ALA B 99 12.29 18.83 20.57
CA ALA B 99 12.88 20.07 20.11
C ALA B 99 13.72 20.67 21.23
N GLY B 100 14.30 21.84 20.95
CA GLY B 100 15.12 22.52 21.95
C GLY B 100 16.44 21.82 22.21
N THR B 101 16.71 21.54 23.49
CA THR B 101 17.95 20.89 23.89
C THR B 101 17.63 19.81 24.93
N LEU B 102 18.64 19.00 25.22
CA LEU B 102 18.46 17.91 26.19
C LEU B 102 18.06 18.44 27.56
N ALA B 103 18.75 19.47 28.04
CA ALA B 103 18.42 20.03 29.35
C ALA B 103 17.00 20.58 29.37
N ALA B 104 16.64 21.38 28.36
CA ALA B 104 15.32 21.99 28.26
C ALA B 104 14.61 21.49 27.01
N PRO B 105 14.05 20.29 27.04
CA PRO B 105 13.34 19.78 25.86
C PRO B 105 11.95 20.39 25.75
N THR B 106 11.55 20.69 24.50
CA THR B 106 10.25 21.28 24.24
C THR B 106 9.54 20.48 23.15
N ALA B 107 8.23 20.70 23.06
CA ALA B 107 7.39 19.97 22.12
C ALA B 107 7.84 20.11 20.67
N VAL B 108 7.60 19.05 19.88
CA VAL B 108 7.97 19.04 18.48
C VAL B 108 7.02 19.93 17.70
N THR B 109 7.49 20.37 16.53
CA THR B 109 6.72 21.25 15.66
C THR B 109 6.02 20.43 14.58
N SER B 110 5.12 21.10 13.86
CA SER B 110 4.40 20.45 12.78
C SER B 110 5.36 20.20 11.63
N GLY B 111 5.37 18.97 11.13
CA GLY B 111 6.26 18.60 10.04
C GLY B 111 7.65 18.17 10.49
N GLN B 112 7.89 18.20 11.79
CA GLN B 112 9.21 17.83 12.35
C GLN B 112 9.40 16.32 12.30
N SER B 113 10.59 15.89 11.89
CA SER B 113 10.90 14.48 11.82
C SER B 113 11.18 13.93 13.21
N LEU B 114 10.60 12.75 13.50
CA LEU B 114 10.76 12.12 14.80
C LEU B 114 11.82 11.04 14.83
N THR B 115 11.70 9.99 14.02
CA THR B 115 12.67 8.91 14.01
C THR B 115 12.79 8.40 12.59
N SER B 116 13.92 7.74 12.29
CA SER B 116 14.13 7.24 10.95
C SER B 116 14.98 5.98 10.93
N LEU B 117 14.68 5.12 9.96
CA LEU B 117 15.37 3.85 9.70
C LEU B 117 15.98 4.07 8.32
N THR B 118 17.26 4.41 8.28
CA THR B 118 17.95 4.70 7.02
C THR B 118 19.01 3.67 6.69
N ALA B 119 19.13 3.38 5.39
CA ALA B 119 20.10 2.44 4.85
C ALA B 119 21.08 3.21 3.96
N PHE B 120 22.37 3.08 4.26
CA PHE B 120 23.43 3.73 3.49
C PHE B 120 24.17 2.67 2.68
N ALA B 121 24.56 3.02 1.45
CA ALA B 121 25.26 2.09 0.59
C ALA B 121 26.52 2.72 0.02
N TYR B 122 27.62 1.99 0.09
CA TYR B 122 28.90 2.45 -0.43
C TYR B 122 28.94 2.27 -1.94
N ASN B 123 29.50 3.25 -2.63
CA ASN B 123 29.62 3.25 -4.08
C ASN B 123 31.09 3.30 -4.49
N GLY B 124 31.95 2.65 -3.71
CA GLY B 124 33.37 2.60 -3.95
C GLY B 124 34.14 3.80 -3.49
N THR B 125 33.48 4.93 -3.29
CA THR B 125 34.15 6.14 -2.83
C THR B 125 33.51 6.70 -1.57
N GLN B 126 32.19 6.62 -1.44
CA GLN B 126 31.51 7.18 -0.27
C GLN B 126 30.12 6.57 -0.16
N TYR B 127 29.35 7.08 0.81
CA TYR B 127 27.98 6.68 1.07
C TYR B 127 27.07 7.80 0.58
N GLN B 128 25.82 7.48 0.32
CA GLN B 128 24.89 8.48 -0.18
C GLN B 128 24.42 9.39 0.94
N SER B 129 24.69 10.69 0.80
CA SER B 129 24.26 11.65 1.80
C SER B 129 22.73 11.65 1.83
N GLY B 130 22.17 11.42 3.00
CA GLY B 130 20.74 11.35 3.16
C GLY B 130 20.20 9.93 3.12
N GLY B 131 21.04 8.97 2.77
CA GLY B 131 20.63 7.58 2.71
C GLY B 131 20.06 7.18 1.37
N ASN B 132 20.15 5.89 1.08
CA ASN B 132 19.64 5.33 -0.16
C ASN B 132 18.18 4.91 -0.07
N ALA B 133 17.67 4.65 1.12
CA ALA B 133 16.29 4.24 1.32
C ALA B 133 15.97 4.37 2.80
N SER B 134 14.91 5.09 3.15
CA SER B 134 14.58 5.30 4.55
C SER B 134 13.10 5.34 4.85
N ILE B 135 12.73 4.78 6.00
CA ILE B 135 11.37 4.79 6.53
C ILE B 135 11.42 5.81 7.66
N ASN B 136 10.69 6.91 7.51
CA ASN B 136 10.71 7.96 8.52
C ASN B 136 9.33 8.23 9.10
N PHE B 137 9.34 8.67 10.35
CA PHE B 137 8.14 9.04 11.11
C PHE B 137 8.19 10.55 11.27
N VAL B 138 7.11 11.22 10.89
CA VAL B 138 7.06 12.68 10.93
C VAL B 138 5.83 13.16 11.67
N ALA B 139 6.00 14.29 12.36
CA ALA B 139 4.91 14.89 13.12
C ALA B 139 3.98 15.63 12.17
N THR B 140 2.68 15.31 12.24
CA THR B 140 1.68 15.95 11.39
C THR B 140 1.10 17.22 12.00
N GLU B 141 1.48 17.56 13.23
CA GLU B 141 0.95 18.74 13.90
C GLU B 141 1.81 19.05 15.10
N ALA B 142 1.84 20.32 15.51
CA ALA B 142 2.57 20.71 16.70
C ALA B 142 2.00 19.89 17.85
N HIS B 143 2.85 19.15 18.54
CA HIS B 143 2.36 18.29 19.61
C HIS B 143 2.09 19.03 20.91
N THR B 144 1.11 18.52 21.64
CA THR B 144 0.68 19.06 22.92
C THR B 144 0.14 17.90 23.75
N ALA B 145 -0.40 18.22 24.93
CA ALA B 145 -0.99 17.20 25.76
C ALA B 145 -2.31 16.74 25.16
N SER B 146 -2.85 17.52 24.22
CA SER B 146 -4.10 17.23 23.55
C SER B 146 -3.93 16.55 22.20
N ALA B 147 -2.75 16.67 21.58
CA ALA B 147 -2.53 16.09 20.27
C ALA B 147 -1.12 15.55 20.09
N GLY B 148 -1.03 14.36 19.49
CA GLY B 148 0.24 13.71 19.23
C GLY B 148 0.25 13.08 17.85
N GLY B 149 -0.37 13.75 16.88
CA GLY B 149 -0.45 13.21 15.53
C GLY B 149 0.91 12.95 14.90
N ALA B 150 1.00 11.87 14.12
CA ALA B 150 2.22 11.48 13.43
C ALA B 150 1.87 10.70 12.17
N LYS B 151 2.85 10.60 11.27
CA LYS B 151 2.72 9.89 9.99
C LYS B 151 3.99 9.13 9.69
N ILE B 152 3.89 8.23 8.71
CA ILE B 152 5.00 7.39 8.28
C ILE B 152 5.22 7.59 6.78
N ILE B 153 6.48 7.81 6.39
CA ILE B 153 6.84 8.00 4.99
C ILE B 153 7.89 6.97 4.60
N PHE B 154 7.88 6.63 3.31
CA PHE B 154 8.81 5.65 2.74
C PHE B 154 9.54 6.29 1.58
N ASN B 155 10.86 6.43 1.70
CA ASN B 155 11.69 7.05 0.68
C ASN B 155 12.64 6.04 0.05
N THR B 156 12.80 6.16 -1.28
CA THR B 156 13.69 5.30 -2.05
C THR B 156 14.39 6.17 -3.09
N THR B 157 15.51 5.65 -3.62
CA THR B 157 16.30 6.35 -4.63
C THR B 157 16.11 5.68 -5.98
N ASN B 158 15.77 6.48 -6.99
CA ASN B 158 15.57 5.95 -8.33
C ASN B 158 16.90 5.60 -8.98
N ASN B 159 16.88 4.61 -9.86
CA ASN B 159 18.10 4.23 -10.57
C ASN B 159 18.65 5.45 -11.28
N GLY B 160 19.97 5.64 -11.20
CA GLY B 160 20.60 6.79 -11.81
C GLY B 160 20.50 8.07 -11.00
N ALA B 161 19.92 8.00 -9.81
CA ALA B 161 19.76 9.15 -8.92
C ALA B 161 20.70 8.99 -7.73
N THR B 162 20.83 10.07 -6.96
CA THR B 162 21.70 10.08 -5.78
C THR B 162 20.99 10.64 -4.55
N GLY B 163 19.66 10.63 -4.53
CA GLY B 163 18.92 11.14 -3.40
C GLY B 163 17.60 10.42 -3.21
N SER B 164 17.34 9.95 -1.99
CA SER B 164 16.08 9.25 -1.72
C SER B 164 14.92 10.23 -1.75
N THR B 165 13.84 9.83 -2.41
CA THR B 165 12.63 10.64 -2.53
C THR B 165 11.45 9.90 -1.91
N GLU B 166 10.52 10.67 -1.36
CA GLU B 166 9.34 10.10 -0.70
C GLU B 166 8.40 9.50 -1.74
N LYS B 167 8.22 8.18 -1.68
CA LYS B 167 7.35 7.48 -2.61
C LYS B 167 5.98 7.14 -2.02
N VAL B 168 5.90 6.84 -0.72
CA VAL B 168 4.64 6.46 -0.09
C VAL B 168 4.51 7.11 1.28
N VAL B 169 3.26 7.27 1.72
CA VAL B 169 2.99 7.88 3.01
C VAL B 169 1.72 7.31 3.63
N ILE B 170 1.79 6.97 4.91
CA ILE B 170 0.64 6.53 5.70
C ILE B 170 0.40 7.72 6.61
N ASP B 171 -0.62 8.51 6.31
CA ASP B 171 -0.85 9.72 7.09
C ASP B 171 -1.50 9.44 8.45
N GLN B 172 -1.51 10.49 9.27
CA GLN B 172 -2.12 10.41 10.60
C GLN B 172 -3.55 9.91 10.53
N ASN B 173 -4.26 10.27 9.45
CA ASN B 173 -5.64 9.86 9.25
C ASN B 173 -5.78 8.45 8.73
N GLY B 174 -4.69 7.76 8.43
CA GLY B 174 -4.74 6.42 7.90
C GLY B 174 -4.73 6.35 6.38
N ASN B 175 -4.89 7.49 5.71
CA ASN B 175 -4.89 7.52 4.26
C ASN B 175 -3.51 7.18 3.74
N VAL B 176 -3.45 6.27 2.76
CA VAL B 176 -2.20 5.87 2.14
C VAL B 176 -2.05 6.63 0.84
N GLY B 177 -0.87 7.20 0.63
CA GLY B 177 -0.63 7.95 -0.58
C GLY B 177 0.56 7.43 -1.35
N VAL B 178 0.32 7.01 -2.59
CA VAL B 178 1.34 6.48 -3.48
C VAL B 178 1.71 7.62 -4.42
N GLY B 179 2.96 8.08 -4.34
CA GLY B 179 3.35 9.20 -5.17
C GLY B 179 2.57 10.45 -4.84
N VAL B 180 1.97 10.49 -3.66
CA VAL B 180 1.18 11.63 -3.19
C VAL B 180 1.66 12.04 -1.81
N GLY B 181 1.80 13.34 -1.60
CA GLY B 181 2.27 13.85 -0.32
C GLY B 181 1.18 13.94 0.72
N ALA B 182 0.02 14.49 0.35
CA ALA B 182 -1.13 14.65 1.25
C ALA B 182 -2.29 13.85 0.67
N PRO B 183 -2.32 12.53 0.91
CA PRO B 183 -3.41 11.71 0.36
C PRO B 183 -4.76 12.05 0.98
N THR B 184 -5.70 12.46 0.13
CA THR B 184 -7.05 12.76 0.58
C THR B 184 -7.95 11.54 0.51
N ALA B 185 -7.53 10.52 -0.23
CA ALA B 185 -8.25 9.28 -0.40
C ALA B 185 -7.66 8.21 0.51
N LYS B 186 -8.48 7.21 0.85
CA LYS B 186 -7.97 6.15 1.70
C LYS B 186 -6.85 5.41 0.97
N MET B 187 -6.92 5.45 -0.37
CA MET B 187 -5.88 4.86 -1.24
C MET B 187 -5.66 5.86 -2.39
N ASP B 188 -4.84 6.88 -2.18
CA ASP B 188 -4.60 7.93 -3.17
C ASP B 188 -3.40 7.53 -4.02
N VAL B 189 -3.67 7.07 -5.24
CA VAL B 189 -2.63 6.64 -6.16
C VAL B 189 -2.42 7.73 -7.20
N ASN B 190 -1.15 7.97 -7.55
CA ASN B 190 -0.81 8.97 -8.54
C ASN B 190 -0.32 8.29 -9.81
N GLY B 191 -1.12 7.35 -10.33
CA GLY B 191 -0.77 6.63 -11.54
C GLY B 191 -1.78 5.55 -11.88
N GLY B 192 -1.33 4.51 -12.58
CA GLY B 192 -2.23 3.44 -12.97
C GLY B 192 -2.34 2.32 -11.98
N ILE B 193 -3.50 1.65 -12.01
CA ILE B 193 -3.80 0.51 -11.14
C ILE B 193 -3.87 -0.70 -12.06
N LYS B 194 -3.05 -1.70 -11.81
CA LYS B 194 -3.00 -2.89 -12.66
C LYS B 194 -3.30 -4.15 -11.86
N GLN B 195 -4.11 -5.01 -12.45
CA GLN B 195 -4.52 -6.29 -11.87
C GLN B 195 -4.18 -7.40 -12.83
N PRO B 196 -4.27 -8.66 -12.39
CA PRO B 196 -3.92 -9.77 -13.29
C PRO B 196 -4.86 -9.92 -14.48
N ASN B 197 -4.29 -10.43 -15.57
CA ASN B 197 -5.03 -10.71 -16.80
C ASN B 197 -5.64 -12.10 -16.62
N TYR B 198 -6.96 -12.16 -16.45
CA TYR B 198 -7.64 -13.43 -16.21
C TYR B 198 -8.16 -14.10 -17.48
N GLY B 199 -7.65 -13.71 -18.66
CA GLY B 199 -8.09 -14.36 -19.88
C GLY B 199 -9.51 -14.06 -20.31
N ILE B 200 -10.11 -15.04 -21.00
CA ILE B 200 -11.46 -14.95 -21.52
C ILE B 200 -12.36 -15.91 -20.75
N ILE B 201 -13.59 -15.47 -20.48
CA ILE B 201 -14.57 -16.24 -19.73
C ILE B 201 -15.65 -16.77 -20.65
N SER B 202 -16.15 -17.96 -20.32
CA SER B 202 -17.20 -18.60 -21.10
C SER B 202 -18.12 -19.39 -20.18
N ALA B 203 -19.42 -19.30 -20.45
CA ALA B 203 -20.45 -20.01 -19.68
C ALA B 203 -21.62 -20.24 -20.65
N VAL B 204 -21.62 -21.41 -21.28
CA VAL B 204 -22.63 -21.79 -22.25
C VAL B 204 -23.41 -23.00 -21.75
N ARG B 205 -24.73 -22.90 -21.73
CA ARG B 205 -25.64 -23.97 -21.35
C ARG B 205 -26.56 -24.13 -22.56
N ASN B 206 -26.36 -25.24 -23.30
CA ASN B 206 -27.05 -25.50 -24.54
C ASN B 206 -27.59 -26.91 -24.59
N SER B 207 -28.30 -27.20 -25.68
CA SER B 207 -28.79 -28.56 -25.86
C SER B 207 -27.59 -29.48 -26.05
N GLY B 208 -26.51 -28.92 -26.64
CA GLY B 208 -25.25 -29.62 -26.89
C GLY B 208 -24.51 -29.98 -25.63
N GLY B 209 -24.82 -29.32 -24.51
CA GLY B 209 -24.14 -29.62 -23.26
C GLY B 209 -23.97 -28.38 -22.40
N VAL B 210 -23.10 -28.53 -21.41
CA VAL B 210 -22.76 -27.49 -20.45
C VAL B 210 -21.25 -27.33 -20.51
N THR B 211 -20.78 -26.13 -20.79
CA THR B 211 -19.36 -25.85 -20.88
C THR B 211 -19.09 -24.50 -20.25
N ALA B 212 -17.95 -24.39 -19.58
CA ALA B 212 -17.61 -23.12 -18.93
C ALA B 212 -16.11 -23.02 -18.72
N SER B 213 -15.59 -21.81 -18.92
CA SER B 213 -14.18 -21.48 -18.74
C SER B 213 -14.16 -20.32 -17.74
N MET B 214 -13.87 -20.63 -16.47
CA MET B 214 -13.83 -19.64 -15.41
C MET B 214 -12.46 -19.58 -14.79
N PRO B 215 -11.80 -18.41 -14.73
CA PRO B 215 -10.45 -18.34 -14.16
C PRO B 215 -10.39 -18.59 -12.66
N TRP B 216 -11.53 -18.65 -11.97
CA TRP B 216 -11.55 -18.89 -10.54
C TRP B 216 -12.41 -20.11 -10.24
N THR B 217 -12.35 -20.56 -8.99
CA THR B 217 -13.11 -21.70 -8.51
C THR B 217 -14.15 -21.23 -7.50
N ASN B 218 -15.20 -22.06 -7.34
CA ASN B 218 -16.27 -21.75 -6.41
C ASN B 218 -15.73 -21.31 -5.06
N ALA B 219 -14.85 -22.12 -4.47
CA ALA B 219 -14.27 -21.80 -3.18
C ALA B 219 -13.60 -20.43 -3.19
N TYR B 220 -12.77 -20.18 -4.20
CA TYR B 220 -12.05 -18.90 -4.29
C TYR B 220 -13.03 -17.73 -4.29
N VAL B 221 -14.02 -17.75 -5.17
CA VAL B 221 -14.98 -16.65 -5.23
C VAL B 221 -15.69 -16.50 -3.89
N LEU B 222 -16.01 -17.61 -3.23
CA LEU B 222 -16.68 -17.53 -1.94
C LEU B 222 -15.80 -16.89 -0.88
N ALA B 223 -14.48 -17.02 -1.01
CA ALA B 223 -13.53 -16.46 -0.06
C ALA B 223 -12.99 -15.11 -0.49
N HIS B 224 -13.55 -14.50 -1.53
CA HIS B 224 -13.11 -13.21 -2.04
C HIS B 224 -14.31 -12.34 -2.40
N GLN B 225 -15.27 -12.27 -1.48
CA GLN B 225 -16.47 -11.50 -1.70
C GLN B 225 -16.19 -10.00 -1.76
N GLY B 226 -16.85 -9.32 -2.69
CA GLY B 226 -16.69 -7.89 -2.84
C GLY B 226 -15.44 -7.42 -3.51
N GLU B 227 -14.71 -8.30 -4.20
CA GLU B 227 -13.47 -7.94 -4.87
C GLU B 227 -13.71 -7.67 -6.35
N MET B 228 -13.14 -6.57 -6.84
CA MET B 228 -13.26 -6.15 -8.23
C MET B 228 -12.01 -6.51 -9.02
N HIS B 229 -12.21 -7.03 -10.23
CA HIS B 229 -11.12 -7.41 -11.10
C HIS B 229 -11.37 -6.86 -12.50
N GLN B 230 -10.44 -6.04 -13.00
CA GLN B 230 -10.53 -5.45 -14.33
C GLN B 230 -9.30 -5.83 -15.15
N TRP B 231 -9.49 -6.05 -16.45
CA TRP B 231 -8.40 -6.41 -17.34
C TRP B 231 -8.91 -6.34 -18.78
N VAL B 232 -8.03 -6.64 -19.72
CA VAL B 232 -8.33 -6.59 -21.15
C VAL B 232 -8.10 -7.96 -21.78
N ALA B 233 -9.08 -8.42 -22.56
CA ALA B 233 -8.99 -9.71 -23.23
C ALA B 233 -10.19 -9.86 -24.18
N GLY B 234 -10.14 -10.91 -24.99
N GLY B 234 -10.14 -10.91 -24.99
CA GLY B 234 -11.22 -11.16 -25.92
CA GLY B 234 -11.22 -11.16 -25.92
C GLY B 234 -12.55 -11.32 -25.22
C GLY B 234 -12.55 -11.32 -25.22
N GLY B 235 -13.62 -11.00 -25.94
CA GLY B 235 -14.97 -11.10 -25.42
C GLY B 235 -15.38 -12.46 -24.90
N PRO B 236 -16.41 -12.47 -24.06
CA PRO B 236 -16.93 -13.73 -23.50
C PRO B 236 -18.02 -14.37 -24.34
N ILE B 237 -18.19 -15.67 -24.15
CA ILE B 237 -19.21 -16.48 -24.80
C ILE B 237 -20.14 -16.96 -23.70
N LEU B 238 -21.34 -16.38 -23.63
CA LEU B 238 -22.30 -16.71 -22.59
C LEU B 238 -23.66 -17.08 -23.15
N GLN B 239 -24.33 -18.03 -22.50
CA GLN B 239 -25.65 -18.46 -22.91
C GLN B 239 -26.22 -19.45 -21.89
N ASP B 240 -27.53 -19.36 -21.62
CA ASP B 240 -28.26 -20.36 -20.79
C ASP B 240 -29.62 -20.48 -21.49
N SER B 241 -29.75 -21.45 -22.38
CA SER B 241 -30.93 -21.66 -23.26
C SER B 241 -31.86 -22.77 -22.74
N VAL B 242 -31.85 -23.05 -21.42
CA VAL B 242 -32.70 -24.07 -20.74
C VAL B 242 -33.59 -23.48 -19.62
N THR B 243 -33.07 -22.94 -18.50
CA THR B 243 -33.93 -22.45 -17.36
C THR B 243 -33.72 -20.96 -16.99
N GLY B 244 -32.50 -20.57 -16.63
CA GLY B 244 -32.20 -19.20 -16.20
C GLY B 244 -32.51 -18.16 -17.26
N CYS B 245 -31.65 -18.06 -18.26
CA CYS B 245 -31.79 -16.99 -19.27
C CYS B 245 -32.89 -17.27 -20.28
N ASN B 246 -33.49 -18.45 -20.31
CA ASN B 246 -34.45 -18.77 -21.42
C ASN B 246 -35.76 -18.16 -20.88
N ALA B 247 -35.84 -16.82 -20.74
CA ALA B 247 -37.10 -16.06 -20.65
C ALA B 247 -36.79 -14.61 -20.98
N GLY B 248 -37.82 -13.78 -21.14
CA GLY B 248 -37.58 -12.36 -21.37
C GLY B 248 -37.54 -12.01 -22.84
N PRO B 249 -37.11 -10.78 -23.21
CA PRO B 249 -37.15 -10.34 -24.60
C PRO B 249 -36.40 -11.23 -25.60
N ASP B 250 -35.35 -11.90 -25.14
CA ASP B 250 -34.52 -12.70 -26.05
C ASP B 250 -34.11 -13.97 -25.30
N ALA B 251 -35.04 -14.89 -25.10
CA ALA B 251 -34.77 -16.07 -24.25
C ALA B 251 -33.50 -16.88 -24.50
N GLY B 252 -33.37 -17.50 -25.66
CA GLY B 252 -32.12 -18.23 -25.91
C GLY B 252 -31.12 -17.32 -26.56
N VAL B 253 -30.11 -16.88 -25.84
CA VAL B 253 -29.21 -15.88 -26.49
C VAL B 253 -27.75 -16.23 -26.22
N LYS B 254 -26.92 -16.08 -27.23
CA LYS B 254 -25.48 -16.40 -27.09
C LYS B 254 -24.67 -15.15 -27.46
N PHE B 255 -23.91 -14.64 -26.48
CA PHE B 255 -23.08 -13.45 -26.74
C PHE B 255 -21.80 -14.08 -27.28
N ASP B 256 -21.86 -14.47 -28.55
CA ASP B 256 -20.75 -15.17 -29.21
C ASP B 256 -19.68 -14.18 -29.61
N SER B 257 -18.73 -14.00 -28.71
CA SER B 257 -17.61 -13.11 -28.93
C SER B 257 -16.54 -13.82 -29.73
N ILE B 258 -15.94 -13.10 -30.67
CA ILE B 258 -14.86 -13.63 -31.50
C ILE B 258 -13.55 -13.08 -30.94
N ALA B 259 -12.61 -13.97 -30.67
CA ALA B 259 -11.32 -13.54 -30.12
C ALA B 259 -10.59 -12.68 -31.14
N THR B 260 -10.35 -11.42 -30.77
CA THR B 260 -9.66 -10.46 -31.63
C THR B 260 -8.55 -9.75 -30.85
N SER B 261 -7.63 -9.18 -31.61
CA SER B 261 -6.50 -8.47 -31.03
C SER B 261 -6.94 -7.26 -30.21
N TRP B 262 -8.02 -6.60 -30.60
CA TRP B 262 -8.46 -5.41 -29.86
C TRP B 262 -9.06 -5.80 -28.51
N GLY B 263 -9.78 -6.91 -28.44
CA GLY B 263 -10.36 -7.35 -27.19
C GLY B 263 -11.26 -6.31 -26.55
N GLY B 264 -11.32 -6.34 -25.22
CA GLY B 264 -12.15 -5.42 -24.46
C GLY B 264 -11.92 -5.51 -22.97
N PRO B 265 -12.41 -4.50 -22.24
CA PRO B 265 -12.21 -4.49 -20.77
C PRO B 265 -13.24 -5.25 -19.94
N TYR B 266 -12.77 -6.28 -19.25
CA TYR B 266 -13.61 -7.06 -18.37
C TYR B 266 -13.72 -6.35 -17.02
N LYS B 267 -14.89 -6.43 -16.39
CA LYS B 267 -15.13 -5.83 -15.07
C LYS B 267 -15.93 -6.87 -14.30
N VAL B 268 -15.26 -7.65 -13.45
CA VAL B 268 -15.92 -8.70 -12.69
C VAL B 268 -15.78 -8.49 -11.19
N ILE B 269 -16.91 -8.47 -10.49
CA ILE B 269 -16.95 -8.32 -9.04
C ILE B 269 -17.58 -9.58 -8.48
N PHE B 270 -17.09 -10.03 -7.32
CA PHE B 270 -17.56 -11.26 -6.70
C PHE B 270 -18.77 -11.03 -5.80
N HIS B 271 -19.67 -12.00 -5.82
CA HIS B 271 -20.89 -11.97 -5.02
C HIS B 271 -21.26 -13.39 -4.64
N THR B 272 -22.43 -13.56 -4.03
CA THR B 272 -22.85 -14.90 -3.63
C THR B 272 -24.35 -15.07 -3.68
N THR B 273 -24.76 -16.35 -3.73
CA THR B 273 -26.15 -16.74 -3.70
C THR B 273 -26.61 -16.96 -2.27
N GLY B 274 -25.65 -17.15 -1.37
CA GLY B 274 -25.86 -17.49 0.02
C GLY B 274 -25.33 -18.87 0.34
N SER B 275 -25.12 -19.67 -0.71
CA SER B 275 -24.60 -21.03 -0.63
C SER B 275 -23.58 -21.33 -1.72
N ASN B 276 -23.38 -20.43 -2.68
CA ASN B 276 -22.42 -20.65 -3.77
C ASN B 276 -21.97 -19.30 -4.31
N GLY B 277 -20.84 -19.32 -5.00
CA GLY B 277 -20.28 -18.09 -5.56
C GLY B 277 -21.00 -17.61 -6.81
N ALA B 278 -21.13 -16.29 -6.90
CA ALA B 278 -21.77 -15.61 -8.02
C ALA B 278 -20.88 -14.46 -8.45
N ILE B 279 -21.05 -13.99 -9.68
CA ILE B 279 -20.22 -12.90 -10.18
C ILE B 279 -21.03 -12.02 -11.12
N HIS B 280 -20.74 -10.71 -11.08
CA HIS B 280 -21.35 -9.70 -11.94
C HIS B 280 -20.28 -9.35 -12.96
N LEU B 281 -20.54 -9.66 -14.24
CA LEU B 281 -19.58 -9.43 -15.30
C LEU B 281 -20.03 -8.37 -16.30
N GLU B 282 -19.06 -7.58 -16.77
CA GLU B 282 -19.28 -6.53 -17.75
C GLU B 282 -18.17 -6.59 -18.78
N TRP B 283 -18.52 -6.44 -20.07
CA TRP B 283 -17.51 -6.46 -21.12
C TRP B 283 -18.00 -5.73 -22.36
N SER B 284 -17.10 -4.96 -22.97
CA SER B 284 -17.37 -4.19 -24.18
C SER B 284 -16.17 -4.37 -25.12
N GLY B 285 -16.41 -4.29 -26.43
CA GLY B 285 -15.33 -4.44 -27.43
C GLY B 285 -15.82 -5.00 -28.76
N TRP B 286 -14.89 -5.48 -29.58
CA TRP B 286 -15.13 -6.03 -30.94
C TRP B 286 -14.41 -7.38 -31.15
N GLN B 287 -14.93 -8.37 -31.90
CA GLN B 287 -16.22 -8.53 -32.64
C GLN B 287 -17.15 -9.45 -31.84
N VAL B 288 -18.48 -9.20 -31.92
CA VAL B 288 -19.49 -10.05 -31.22
C VAL B 288 -20.63 -10.41 -32.19
N SER B 289 -21.16 -11.62 -32.10
CA SER B 289 -22.27 -12.14 -32.95
C SER B 289 -23.44 -12.56 -32.07
N LEU B 290 -24.59 -11.87 -32.19
CA LEU B 290 -25.79 -12.25 -31.39
C LEU B 290 -26.48 -13.43 -32.07
N LYS B 291 -26.69 -14.52 -31.34
CA LYS B 291 -27.33 -15.70 -31.91
C LYS B 291 -28.50 -16.09 -31.02
N ASN B 292 -29.53 -16.65 -31.64
CA ASN B 292 -30.71 -17.08 -30.90
C ASN B 292 -30.56 -18.55 -30.52
N SER B 293 -31.52 -19.07 -29.74
CA SER B 293 -31.46 -20.46 -29.33
C SER B 293 -31.25 -21.38 -30.53
N ALA B 294 -31.84 -21.03 -31.67
CA ALA B 294 -31.67 -21.84 -32.87
C ALA B 294 -30.24 -21.77 -33.40
N GLY B 295 -29.55 -20.66 -33.15
CA GLY B 295 -28.18 -20.49 -33.60
C GLY B 295 -27.99 -19.57 -34.78
N THR B 296 -29.02 -18.87 -35.23
CA THR B 296 -28.90 -17.95 -36.36
C THR B 296 -28.37 -16.61 -35.89
N GLU B 297 -27.47 -16.03 -36.69
CA GLU B 297 -26.84 -14.76 -36.35
C GLU B 297 -27.79 -13.60 -36.60
N LEU B 298 -28.05 -12.82 -35.55
CA LEU B 298 -28.94 -11.67 -35.59
C LEU B 298 -28.19 -10.38 -35.86
N ALA B 299 -26.93 -10.29 -35.43
CA ALA B 299 -26.11 -9.09 -35.61
C ALA B 299 -24.66 -9.45 -35.35
N ILE B 300 -23.75 -8.64 -35.90
CA ILE B 300 -22.31 -8.87 -35.76
C ILE B 300 -21.60 -7.52 -35.69
N GLY B 301 -20.68 -7.38 -34.73
CA GLY B 301 -19.94 -6.15 -34.58
C GLY B 301 -19.55 -5.80 -33.14
N MET B 302 -19.83 -4.57 -32.73
CA MET B 302 -19.51 -4.11 -31.40
C MET B 302 -20.43 -4.78 -30.38
N GLY B 303 -19.87 -5.29 -29.31
CA GLY B 303 -20.65 -5.98 -28.29
C GLY B 303 -20.40 -5.46 -26.88
N GLN B 304 -21.49 -5.33 -26.13
CA GLN B 304 -21.50 -4.90 -24.73
C GLN B 304 -22.44 -5.84 -23.99
N VAL B 305 -22.10 -6.19 -22.75
CA VAL B 305 -22.96 -7.09 -21.99
C VAL B 305 -22.70 -6.95 -20.50
N PHE B 306 -23.76 -7.18 -19.73
CA PHE B 306 -23.73 -7.23 -18.28
C PHE B 306 -24.36 -8.58 -17.97
N ALA B 307 -23.73 -9.38 -17.11
CA ALA B 307 -24.29 -10.69 -16.82
C ALA B 307 -24.02 -11.07 -15.37
N THR B 308 -24.89 -11.93 -14.84
CA THR B 308 -24.79 -12.43 -13.47
C THR B 308 -24.71 -13.96 -13.56
N LEU B 309 -23.51 -14.50 -13.39
CA LEU B 309 -23.27 -15.93 -13.45
C LEU B 309 -23.07 -16.44 -12.02
N HIS B 310 -23.16 -17.77 -11.87
CA HIS B 310 -22.98 -18.36 -10.55
C HIS B 310 -22.75 -19.85 -10.68
N TYR B 311 -21.98 -20.40 -9.75
CA TYR B 311 -21.70 -21.83 -9.76
C TYR B 311 -22.95 -22.58 -9.31
N ASP B 312 -23.52 -23.37 -10.22
CA ASP B 312 -24.71 -24.16 -9.93
C ASP B 312 -24.28 -25.60 -9.70
N PRO B 313 -24.34 -26.11 -8.48
CA PRO B 313 -23.90 -27.51 -8.26
C PRO B 313 -24.79 -28.53 -8.95
N ALA B 314 -26.09 -28.25 -9.10
CA ALA B 314 -26.98 -29.20 -9.77
C ALA B 314 -26.49 -29.49 -11.18
N VAL B 315 -25.83 -28.53 -11.82
CA VAL B 315 -25.28 -28.67 -13.17
C VAL B 315 -23.77 -28.81 -13.14
N SER B 316 -23.16 -28.82 -11.95
CA SER B 316 -21.73 -29.00 -11.76
C SER B 316 -20.86 -28.05 -12.59
N ASN B 317 -21.30 -26.82 -12.78
CA ASN B 317 -20.51 -25.87 -13.55
C ASN B 317 -21.12 -24.50 -13.35
N TRP B 318 -20.47 -23.48 -13.91
CA TRP B 318 -20.96 -22.12 -13.81
C TRP B 318 -22.08 -21.93 -14.82
N ARG B 319 -23.09 -21.17 -14.43
CA ARG B 319 -24.25 -20.93 -15.28
C ARG B 319 -24.65 -19.47 -15.20
N VAL B 320 -25.30 -19.01 -16.26
CA VAL B 320 -25.74 -17.61 -16.36
C VAL B 320 -27.14 -17.53 -15.77
N GLU B 321 -27.30 -16.70 -14.74
CA GLU B 321 -28.62 -16.55 -14.12
C GLU B 321 -29.49 -15.60 -14.94
N HIS B 322 -28.94 -14.47 -15.37
CA HIS B 322 -29.67 -13.50 -16.18
C HIS B 322 -28.64 -12.54 -16.75
N MET B 323 -28.87 -12.11 -17.99
CA MET B 323 -27.92 -11.21 -18.66
C MET B 323 -28.64 -10.31 -19.66
N PHE B 324 -28.11 -9.13 -19.89
CA PHE B 324 -28.64 -8.23 -20.90
C PHE B 324 -27.50 -7.35 -21.37
N GLY B 325 -27.52 -6.96 -22.65
CA GLY B 325 -26.46 -6.18 -23.31
C GLY B 325 -26.96 -5.51 -24.58
N ARG B 326 -26.02 -5.05 -25.39
CA ARG B 326 -26.36 -4.48 -26.71
C ARG B 326 -25.32 -5.00 -27.71
N ILE B 327 -25.74 -5.60 -28.83
CA ILE B 327 -24.78 -6.00 -29.89
C ILE B 327 -25.01 -5.02 -31.03
N ASN B 328 -23.98 -4.27 -31.43
CA ASN B 328 -24.20 -3.17 -32.41
C ASN B 328 -25.26 -2.27 -31.78
N ASN B 329 -26.29 -1.86 -32.53
CA ASN B 329 -27.30 -0.90 -32.02
C ASN B 329 -28.56 -1.62 -31.52
N THR B 330 -28.54 -2.95 -31.47
CA THR B 330 -29.72 -3.74 -31.01
C THR B 330 -29.56 -4.11 -29.53
N ASN B 331 -30.60 -3.92 -28.72
CA ASN B 331 -30.51 -4.30 -27.32
C ASN B 331 -31.11 -5.69 -27.14
N PHE B 332 -30.55 -6.45 -26.20
CA PHE B 332 -31.03 -7.80 -25.95
C PHE B 332 -31.09 -8.03 -24.45
N THR B 333 -32.06 -8.80 -24.01
CA THR B 333 -32.22 -8.98 -22.55
C THR B 333 -32.62 -10.44 -22.34
N CYS B 334 -32.38 -11.00 -21.15
CA CYS B 334 -32.54 -12.45 -20.98
C CYS B 334 -32.54 -12.78 -19.49
N TRP B 335 -33.65 -13.24 -18.94
CA TRP B 335 -33.74 -13.51 -17.48
C TRP B 335 -34.48 -14.83 -17.22
N ASP C 7 51.20 5.65 26.79
CA ASP C 7 49.90 4.97 26.80
C ASP C 7 49.83 4.05 28.02
N PHE C 8 48.84 3.15 28.07
CA PHE C 8 48.71 2.30 29.24
C PHE C 8 47.63 1.25 29.03
N ALA C 9 47.70 0.17 29.83
CA ALA C 9 46.72 -0.91 29.77
C ALA C 9 46.86 -1.87 30.96
N THR C 10 45.81 -2.68 31.16
CA THR C 10 45.74 -3.69 32.21
C THR C 10 45.25 -5.01 31.62
N ALA C 11 45.72 -6.14 32.19
CA ALA C 11 45.34 -7.46 31.71
C ALA C 11 44.85 -8.36 32.85
N VAL C 12 44.10 -9.40 32.46
CA VAL C 12 43.54 -10.37 33.40
C VAL C 12 43.51 -11.73 32.73
N ASN C 13 43.66 -12.80 33.52
CA ASN C 13 43.64 -14.17 32.99
C ASN C 13 42.29 -14.82 33.24
N GLY C 14 41.31 -14.40 32.44
N GLY C 14 41.30 -14.41 32.43
CA GLY C 14 39.97 -14.92 32.55
CA GLY C 14 39.96 -14.93 32.55
C GLY C 14 38.91 -13.85 32.72
C GLY C 14 38.90 -13.86 32.70
N ASN C 15 37.91 -14.13 33.55
CA ASN C 15 36.84 -13.17 33.79
C ASN C 15 37.33 -11.99 34.62
N LEU C 16 36.68 -10.84 34.41
CA LEU C 16 36.98 -9.59 35.11
C LEU C 16 35.63 -8.96 35.44
N ARG C 17 35.28 -8.95 36.71
CA ARG C 17 34.00 -8.45 37.18
C ARG C 17 34.14 -7.11 37.89
N PHE C 18 33.12 -6.27 37.73
CA PHE C 18 33.06 -4.95 38.34
C PHE C 18 31.87 -4.91 39.28
N TYR C 19 32.10 -4.54 40.54
CA TYR C 19 31.00 -4.50 41.54
C TYR C 19 30.88 -3.09 42.13
N THR C 20 29.65 -2.64 42.39
CA THR C 20 29.45 -1.32 43.04
C THR C 20 28.85 -1.54 44.43
N ALA C 21 28.92 -2.78 44.94
CA ALA C 21 28.38 -3.09 46.28
C ALA C 21 29.17 -4.25 46.89
N SER C 27 25.71 -7.87 43.02
CA SER C 27 26.43 -6.58 43.16
C SER C 27 27.25 -6.29 41.89
N GLU C 28 27.49 -7.32 41.09
CA GLU C 28 28.27 -7.15 39.84
C GLU C 28 27.49 -6.26 38.87
N ARG C 29 28.16 -5.29 38.25
CA ARG C 29 27.47 -4.36 37.32
C ARG C 29 27.97 -4.63 35.89
N MET C 30 29.21 -5.10 35.75
CA MET C 30 29.76 -5.33 34.43
C MET C 30 30.80 -6.45 34.47
N ARG C 31 31.04 -7.05 33.30
CA ARG C 31 31.98 -8.15 33.24
C ARG C 31 32.56 -8.35 31.84
N ILE C 32 33.87 -8.60 31.80
CA ILE C 32 34.62 -8.90 30.59
C ILE C 32 35.04 -10.35 30.74
N THR C 33 34.40 -11.26 30.00
CA THR C 33 34.69 -12.67 30.14
C THR C 33 36.02 -13.07 29.48
N GLY C 34 36.48 -14.27 29.83
CA GLY C 34 37.71 -14.77 29.24
C GLY C 34 37.59 -14.93 27.74
N SER C 35 36.42 -15.38 27.28
CA SER C 35 36.17 -15.55 25.85
C SER C 35 36.22 -14.21 25.12
N GLY C 36 36.00 -13.10 25.84
CA GLY C 36 36.04 -11.77 25.25
C GLY C 36 34.71 -11.06 25.14
N LEU C 37 33.66 -11.56 25.81
CA LEU C 37 32.34 -10.95 25.78
C LEU C 37 32.17 -9.99 26.95
N VAL C 38 31.32 -8.98 26.76
CA VAL C 38 31.07 -7.96 27.77
C VAL C 38 29.60 -8.01 28.17
N GLY C 39 29.34 -8.11 29.46
CA GLY C 39 27.99 -8.14 29.98
C GLY C 39 27.73 -7.07 31.00
N ILE C 40 26.63 -6.32 30.83
CA ILE C 40 26.23 -5.26 31.75
C ILE C 40 24.90 -5.71 32.32
N GLY C 41 24.91 -6.09 33.60
CA GLY C 41 23.70 -6.57 34.23
C GLY C 41 23.49 -8.06 34.04
N THR C 42 24.40 -8.73 33.35
CA THR C 42 24.31 -10.16 33.09
C THR C 42 25.63 -10.81 33.45
N PRO C 43 25.66 -11.81 34.32
CA PRO C 43 26.92 -12.49 34.65
C PRO C 43 27.38 -13.47 33.58
N ALA C 44 26.65 -13.57 32.47
CA ALA C 44 27.00 -14.50 31.39
C ALA C 44 26.55 -13.93 30.06
N PRO C 45 27.30 -12.97 29.51
CA PRO C 45 26.93 -12.39 28.23
C PRO C 45 27.00 -13.40 27.10
N ALA C 46 26.05 -13.30 26.16
CA ALA C 46 25.98 -14.19 25.01
C ALA C 46 26.39 -13.53 23.71
N VAL C 47 26.70 -12.24 23.72
CA VAL C 47 27.11 -11.52 22.52
C VAL C 47 28.25 -10.58 22.92
N PRO C 48 28.98 -9.99 21.96
CA PRO C 48 30.07 -9.07 22.33
C PRO C 48 29.68 -8.05 23.39
N LEU C 49 28.47 -7.51 23.34
CA LEU C 49 28.00 -6.54 24.32
C LEU C 49 26.55 -6.85 24.60
N GLN C 50 26.26 -7.41 25.79
CA GLN C 50 24.90 -7.76 26.18
C GLN C 50 24.52 -6.96 27.41
N VAL C 51 23.44 -6.19 27.30
CA VAL C 51 22.91 -5.35 28.38
C VAL C 51 21.67 -6.03 28.92
N ALA C 52 21.64 -6.28 30.24
CA ALA C 52 20.51 -6.94 30.87
C ALA C 52 20.00 -6.29 32.15
N THR C 53 20.56 -5.15 32.56
CA THR C 53 20.10 -4.50 33.79
C THR C 53 18.58 -4.35 33.75
N ARG C 54 17.92 -4.89 34.77
CA ARG C 54 16.46 -4.83 34.85
C ARG C 54 15.94 -3.40 34.88
N VAL C 55 14.98 -3.10 34.01
CA VAL C 55 14.33 -1.79 33.93
C VAL C 55 12.86 -2.06 34.24
N PRO C 56 12.36 -1.64 35.40
CA PRO C 56 10.97 -1.93 35.76
C PRO C 56 9.94 -1.09 35.01
N SER C 57 8.69 -1.54 35.13
CA SER C 57 7.57 -0.84 34.50
C SER C 57 7.45 0.57 35.04
N SER C 58 7.92 0.81 36.25
CA SER C 58 7.86 2.14 36.87
C SER C 58 8.65 3.17 36.09
N ALA C 59 9.59 2.74 35.24
CA ALA C 59 10.42 3.65 34.49
C ALA C 59 9.58 4.67 33.72
N VAL C 60 10.18 5.84 33.51
CA VAL C 60 9.54 6.94 32.80
C VAL C 60 10.24 7.18 31.47
N HIS C 61 9.51 7.79 30.54
CA HIS C 61 10.11 8.16 29.27
C HIS C 61 11.02 9.38 29.48
N PRO C 62 12.17 9.45 28.80
CA PRO C 62 12.75 8.54 27.82
C PRO C 62 13.77 7.57 28.42
N ASN C 63 13.43 7.00 29.57
CA ASN C 63 14.30 6.06 30.26
C ASN C 63 13.75 4.64 30.26
N ARG C 64 12.87 4.36 29.30
CA ARG C 64 12.24 3.01 29.22
C ARG C 64 12.98 2.18 28.17
N ALA C 65 14.27 1.93 28.36
CA ALA C 65 15.06 1.19 27.40
C ALA C 65 16.35 0.71 28.06
N GLY C 66 16.92 -0.34 27.47
CA GLY C 66 18.15 -0.92 27.98
C GLY C 66 19.38 -0.16 27.53
N ILE C 67 19.43 0.19 26.26
CA ILE C 67 20.54 0.93 25.67
C ILE C 67 19.96 2.18 25.01
N GLN C 68 20.70 3.28 25.07
CA GLN C 68 20.19 4.51 24.46
C GLN C 68 21.29 5.46 24.05
N ALA C 69 21.26 5.89 22.80
CA ALA C 69 22.20 6.85 22.25
C ALA C 69 21.54 8.22 22.39
N VAL C 70 22.35 9.28 22.46
CA VAL C 70 21.79 10.61 22.64
C VAL C 70 22.50 11.63 21.75
N GLY C 71 21.69 12.54 21.18
CA GLY C 71 22.20 13.60 20.34
C GLY C 71 21.58 14.93 20.75
N GLU C 72 22.22 16.02 20.31
CA GLU C 72 21.69 17.38 20.61
C GLU C 72 22.04 18.31 19.45
N GLY C 73 21.16 19.25 19.18
CA GLY C 73 21.37 20.27 18.15
C GLY C 73 21.85 19.74 16.81
N THR C 74 23.02 20.19 16.37
CA THR C 74 23.59 19.78 15.10
C THR C 74 24.44 18.53 15.19
N ASP C 75 24.47 17.89 16.36
CA ASP C 75 25.32 16.69 16.56
C ASP C 75 24.62 15.45 15.99
N VAL C 76 25.35 14.34 15.80
CA VAL C 76 24.78 13.14 15.13
C VAL C 76 25.04 11.89 15.98
N GLY C 77 24.90 12.00 17.31
CA GLY C 77 25.18 10.85 18.20
C GLY C 77 23.90 10.16 18.63
N GLY C 78 22.75 10.80 18.44
CA GLY C 78 21.46 10.19 18.76
C GLY C 78 21.07 9.20 17.68
N ARG C 79 22.06 8.46 17.17
CA ARG C 79 21.82 7.47 16.10
C ARG C 79 22.40 6.12 16.50
N ILE C 80 21.67 5.02 16.25
CA ILE C 80 22.18 3.66 16.53
C ILE C 80 22.47 3.02 15.18
N SER C 81 23.60 2.35 15.00
CA SER C 81 23.91 1.85 13.67
C SER C 81 24.49 0.44 13.63
N ALA C 82 24.36 -0.15 12.44
CA ALA C 82 24.87 -1.48 12.10
C ALA C 82 25.62 -1.35 10.78
N LEU C 83 26.89 -1.75 10.77
CA LEU C 83 27.74 -1.67 9.59
C LEU C 83 28.23 -3.05 9.18
N VAL C 84 28.09 -3.36 7.90
CA VAL C 84 28.52 -4.64 7.35
C VAL C 84 29.16 -4.43 5.99
N SER C 85 30.32 -5.07 5.78
CA SER C 85 31.07 -5.02 4.52
C SER C 85 31.10 -6.47 4.08
N SER C 86 30.04 -6.90 3.40
CA SER C 86 29.97 -8.29 2.97
C SER C 86 28.99 -8.48 1.83
N THR C 87 29.32 -9.46 0.98
CA THR C 87 28.46 -9.83 -0.14
C THR C 87 27.33 -10.72 0.32
N ILE C 88 27.55 -11.45 1.41
CA ILE C 88 26.59 -12.39 1.95
C ILE C 88 25.71 -11.81 3.04
N GLU C 89 26.31 -11.27 4.09
CA GLU C 89 25.52 -10.73 5.19
C GLU C 89 25.14 -9.27 4.94
N MET C 90 24.17 -8.80 5.73
CA MET C 90 23.65 -7.45 5.62
C MET C 90 23.42 -6.86 7.01
N ALA C 91 23.51 -5.53 7.10
CA ALA C 91 23.27 -4.86 8.37
C ALA C 91 21.85 -5.17 8.80
N THR C 92 21.68 -5.61 10.05
CA THR C 92 20.36 -5.98 10.53
C THR C 92 20.10 -5.48 11.94
N PHE C 93 18.82 -5.21 12.21
CA PHE C 93 18.29 -4.78 13.50
C PHE C 93 17.39 -5.96 13.88
N SER C 94 17.97 -6.93 14.60
CA SER C 94 17.24 -8.14 14.96
C SER C 94 16.40 -7.96 16.22
N GLY C 95 15.13 -8.35 16.13
CA GLY C 95 14.21 -8.27 17.24
C GLY C 95 13.75 -9.65 17.65
N TYR C 96 14.18 -10.09 18.83
CA TYR C 96 13.83 -11.41 19.33
C TYR C 96 12.71 -11.35 20.35
N GLN C 97 11.74 -12.26 20.21
CA GLN C 97 10.59 -12.35 21.09
C GLN C 97 10.30 -13.80 21.44
N SER C 98 9.98 -14.03 22.71
CA SER C 98 9.65 -15.35 23.21
C SER C 98 8.69 -15.18 24.37
N ALA C 99 8.00 -16.26 24.72
CA ALA C 99 7.07 -16.24 25.83
C ALA C 99 7.81 -16.72 27.07
N GLY C 100 7.10 -16.78 28.20
CA GLY C 100 7.75 -17.25 29.41
C GLY C 100 8.79 -16.28 29.92
N THR C 101 10.03 -16.76 30.12
CA THR C 101 11.11 -15.95 30.63
C THR C 101 12.39 -16.22 29.85
N LEU C 102 13.40 -15.39 30.11
CA LEU C 102 14.68 -15.52 29.43
C LEU C 102 15.30 -16.89 29.68
N ALA C 103 15.33 -17.31 30.95
CA ALA C 103 15.89 -18.61 31.28
C ALA C 103 15.10 -19.71 30.61
N ALA C 104 13.77 -19.64 30.70
CA ALA C 104 12.87 -20.63 30.13
C ALA C 104 11.99 -20.00 29.06
N PRO C 105 12.51 -19.84 27.85
CA PRO C 105 11.70 -19.26 26.76
C PRO C 105 10.72 -20.28 26.20
N THR C 106 9.53 -19.81 25.86
CA THR C 106 8.47 -20.66 25.31
C THR C 106 7.91 -20.04 24.05
N ALA C 107 7.21 -20.88 23.28
CA ALA C 107 6.63 -20.45 22.01
C ALA C 107 5.65 -19.30 22.18
N VAL C 108 5.61 -18.43 21.17
CA VAL C 108 4.71 -17.28 21.20
C VAL C 108 3.28 -17.74 20.95
N THR C 109 2.34 -16.91 21.36
CA THR C 109 0.92 -17.16 21.18
C THR C 109 0.41 -16.46 19.93
N SER C 110 -0.80 -16.81 19.53
CA SER C 110 -1.40 -16.21 18.35
C SER C 110 -1.81 -14.76 18.62
N GLY C 111 -1.41 -13.87 17.71
CA GLY C 111 -1.72 -12.46 17.83
C GLY C 111 -0.81 -11.65 18.70
N GLN C 112 0.13 -12.29 19.40
CA GLN C 112 1.05 -11.59 20.28
C GLN C 112 2.11 -10.87 19.43
N SER C 113 2.46 -9.66 19.85
CA SER C 113 3.43 -8.84 19.15
C SER C 113 4.86 -9.34 19.37
N LEU C 114 5.63 -9.36 18.29
CA LEU C 114 7.00 -9.85 18.30
C LEU C 114 8.06 -8.74 18.40
N THR C 115 8.07 -7.81 17.45
CA THR C 115 9.05 -6.72 17.41
C THR C 115 8.35 -5.45 16.96
N SER C 116 8.92 -4.31 17.35
CA SER C 116 8.31 -3.04 16.99
C SER C 116 9.32 -1.92 16.90
N LEU C 117 9.05 -1.01 15.97
CA LEU C 117 9.86 0.20 15.73
C LEU C 117 8.90 1.36 15.99
N THR C 118 8.96 1.93 17.19
CA THR C 118 8.06 3.01 17.56
C THR C 118 8.82 4.33 17.71
N ALA C 119 8.15 5.43 17.34
CA ALA C 119 8.70 6.77 17.45
C ALA C 119 7.93 7.54 18.50
N PHE C 120 8.65 8.10 19.47
CA PHE C 120 8.05 8.88 20.54
C PHE C 120 8.37 10.36 20.33
N ALA C 121 7.41 11.22 20.64
CA ALA C 121 7.57 12.66 20.46
C ALA C 121 7.16 13.40 21.73
N TYR C 122 7.99 14.37 22.13
CA TYR C 122 7.74 15.17 23.31
C TYR C 122 6.68 16.23 23.01
N ASN C 123 5.81 16.48 23.99
CA ASN C 123 4.73 17.45 23.87
C ASN C 123 4.92 18.57 24.90
N GLY C 124 6.18 18.89 25.18
CA GLY C 124 6.49 19.92 26.16
C GLY C 124 6.37 19.45 27.59
N THR C 125 5.69 18.34 27.84
CA THR C 125 5.49 17.79 29.17
C THR C 125 5.94 16.33 29.28
N GLN C 126 5.69 15.50 28.27
CA GLN C 126 6.09 14.10 28.32
C GLN C 126 6.07 13.51 26.91
N TYR C 127 6.22 12.20 26.81
CA TYR C 127 6.17 11.47 25.55
C TYR C 127 4.85 10.72 25.51
N GLN C 128 4.40 10.38 24.30
CA GLN C 128 3.11 9.71 24.16
C GLN C 128 3.20 8.23 24.55
N SER C 129 2.39 7.83 25.53
CA SER C 129 2.35 6.44 25.94
C SER C 129 1.87 5.61 24.76
N GLY C 130 2.65 4.60 24.39
CA GLY C 130 2.33 3.76 23.27
C GLY C 130 2.99 4.19 21.98
N GLY C 131 3.61 5.36 21.96
CA GLY C 131 4.27 5.85 20.78
C GLY C 131 3.33 6.61 19.87
N ASN C 132 3.92 7.50 19.07
CA ASN C 132 3.16 8.30 18.12
C ASN C 132 3.02 7.62 16.76
N ALA C 133 3.88 6.67 16.44
CA ALA C 133 3.84 5.96 15.17
C ALA C 133 4.68 4.70 15.33
N SER C 134 4.11 3.56 14.92
CA SER C 134 4.80 2.27 15.16
C SER C 134 4.63 1.27 14.03
N ILE C 135 5.71 0.63 13.61
CA ILE C 135 5.71 -0.46 12.64
C ILE C 135 5.92 -1.70 13.49
N ASN C 136 4.92 -2.58 13.56
CA ASN C 136 5.04 -3.76 14.39
C ASN C 136 4.90 -5.05 13.60
N PHE C 137 5.57 -6.09 14.11
CA PHE C 137 5.53 -7.44 13.57
C PHE C 137 4.75 -8.25 14.59
N VAL C 138 3.70 -8.91 14.13
CA VAL C 138 2.82 -9.66 15.02
C VAL C 138 2.61 -11.08 14.54
N ALA C 139 2.48 -11.98 15.50
CA ALA C 139 2.26 -13.40 15.20
C ALA C 139 0.80 -13.64 14.84
N THR C 140 0.58 -14.28 13.69
CA THR C 140 -0.76 -14.59 13.23
C THR C 140 -1.24 -15.96 13.70
N GLU C 141 -0.37 -16.72 14.38
CA GLU C 141 -0.73 -18.04 14.86
C GLU C 141 0.28 -18.50 15.89
N ALA C 142 -0.17 -19.39 16.79
CA ALA C 142 0.71 -19.94 17.79
C ALA C 142 1.87 -20.63 17.07
N HIS C 143 3.09 -20.28 17.42
CA HIS C 143 4.24 -20.85 16.73
C HIS C 143 4.57 -22.26 17.20
N THR C 144 5.10 -23.03 16.26
CA THR C 144 5.50 -24.41 16.47
C THR C 144 6.66 -24.70 15.51
N ALA C 145 7.10 -25.95 15.48
CA ALA C 145 8.17 -26.31 14.56
C ALA C 145 7.64 -26.38 13.13
N SER C 146 6.31 -26.46 12.98
CA SER C 146 5.66 -26.53 11.67
C SER C 146 5.10 -25.19 11.20
N ALA C 147 4.90 -24.22 12.10
CA ALA C 147 4.32 -22.95 11.68
C ALA C 147 4.93 -21.77 12.40
N GLY C 148 5.25 -20.73 11.62
CA GLY C 148 5.84 -19.49 12.11
C GLY C 148 5.20 -18.29 11.44
N GLY C 149 3.88 -18.33 11.31
CA GLY C 149 3.13 -17.23 10.68
C GLY C 149 3.30 -15.88 11.36
N ALA C 150 3.41 -14.84 10.55
CA ALA C 150 3.67 -13.50 11.11
C ALA C 150 3.02 -12.46 10.22
N LYS C 151 2.90 -11.24 10.71
CA LYS C 151 2.34 -10.15 9.88
C LYS C 151 3.03 -8.84 10.25
N ILE C 152 2.81 -7.82 9.44
CA ILE C 152 3.37 -6.50 9.68
C ILE C 152 2.23 -5.50 9.79
N ILE C 153 2.29 -4.65 10.83
CA ILE C 153 1.27 -3.65 11.08
C ILE C 153 1.92 -2.28 11.10
N PHE C 154 1.15 -1.27 10.72
CA PHE C 154 1.58 0.13 10.68
C PHE C 154 0.58 0.95 11.48
N ASN C 155 1.03 1.54 12.58
CA ASN C 155 0.17 2.36 13.43
C ASN C 155 0.60 3.81 13.39
N THR C 156 -0.38 4.71 13.38
CA THR C 156 -0.15 6.15 13.37
C THR C 156 -1.19 6.80 14.28
N THR C 157 -0.90 8.02 14.71
CA THR C 157 -1.79 8.77 15.59
C THR C 157 -2.46 9.89 14.80
N ASN C 158 -3.78 9.97 14.92
CA ASN C 158 -4.55 10.99 14.22
C ASN C 158 -4.35 12.36 14.86
N ASN C 159 -4.42 13.41 14.06
CA ASN C 159 -4.29 14.75 14.60
C ASN C 159 -5.37 14.91 15.67
N GLY C 160 -5.00 15.51 16.80
CA GLY C 160 -5.94 15.68 17.89
C GLY C 160 -6.15 14.45 18.74
N ALA C 161 -5.41 13.37 18.46
CA ALA C 161 -5.48 12.12 19.21
C ALA C 161 -4.22 11.95 20.04
N THR C 162 -4.26 10.97 20.95
CA THR C 162 -3.12 10.70 21.83
C THR C 162 -2.75 9.23 21.85
N GLY C 163 -3.16 8.45 20.84
CA GLY C 163 -2.84 7.05 20.78
C GLY C 163 -2.72 6.55 19.36
N SER C 164 -1.62 5.86 19.05
CA SER C 164 -1.43 5.36 17.70
C SER C 164 -2.41 4.22 17.43
N THR C 165 -3.02 4.23 16.24
CA THR C 165 -3.99 3.23 15.84
C THR C 165 -3.51 2.51 14.59
N GLU C 166 -3.89 1.23 14.48
CA GLU C 166 -3.50 0.41 13.35
C GLU C 166 -4.20 0.90 12.09
N LYS C 167 -3.41 1.41 11.14
CA LYS C 167 -3.94 1.91 9.88
C LYS C 167 -3.78 0.95 8.72
N VAL C 168 -2.66 0.20 8.68
CA VAL C 168 -2.40 -0.72 7.58
C VAL C 168 -1.82 -2.03 8.10
N VAL C 169 -2.02 -3.09 7.34
CA VAL C 169 -1.51 -4.40 7.71
C VAL C 169 -1.16 -5.21 6.46
N ILE C 170 0.02 -5.82 6.49
CA ILE C 170 0.48 -6.74 5.45
C ILE C 170 0.37 -8.09 6.13
N ASP C 171 -0.66 -8.86 5.82
CA ASP C 171 -0.86 -10.11 6.51
C ASP C 171 0.10 -11.20 6.04
N GLN C 172 0.11 -12.30 6.81
CA GLN C 172 0.95 -13.44 6.50
C GLN C 172 0.71 -13.93 5.08
N ASN C 173 -0.53 -13.83 4.61
CA ASN C 173 -0.93 -14.26 3.28
C ASN C 173 -0.54 -13.27 2.19
N GLY C 174 0.02 -12.11 2.55
CA GLY C 174 0.39 -11.12 1.59
C GLY C 174 -0.69 -10.10 1.32
N ASN C 175 -1.91 -10.34 1.78
CA ASN C 175 -3.01 -9.41 1.58
C ASN C 175 -2.72 -8.14 2.38
N VAL C 176 -2.85 -6.96 1.75
CA VAL C 176 -2.56 -5.63 2.39
C VAL C 176 -3.91 -4.95 2.68
N GLY C 177 -4.13 -4.45 3.89
CA GLY C 177 -5.39 -3.79 4.26
C GLY C 177 -5.20 -2.35 4.74
N VAL C 178 -5.89 -1.37 4.14
CA VAL C 178 -5.83 0.05 4.59
C VAL C 178 -7.13 0.30 5.37
N GLY C 179 -7.08 0.31 6.71
CA GLY C 179 -8.25 0.51 7.58
C GLY C 179 -8.97 -0.80 7.82
N VAL C 180 -8.35 -1.94 7.49
CA VAL C 180 -8.96 -3.26 7.64
C VAL C 180 -8.02 -4.14 8.45
N GLY C 181 -8.59 -4.88 9.40
CA GLY C 181 -7.80 -5.76 10.24
C GLY C 181 -7.43 -7.07 9.57
N ALA C 182 -8.41 -7.70 8.92
CA ALA C 182 -8.22 -8.99 8.23
C ALA C 182 -8.48 -8.83 6.74
N PRO C 183 -7.48 -8.33 5.96
CA PRO C 183 -7.66 -8.12 4.53
C PRO C 183 -7.90 -9.42 3.76
N THR C 184 -9.08 -9.55 3.14
CA THR C 184 -9.41 -10.74 2.33
C THR C 184 -8.93 -10.49 0.90
N ALA C 185 -8.73 -9.23 0.54
CA ALA C 185 -8.30 -8.88 -0.82
C ALA C 185 -6.83 -8.46 -0.80
N LYS C 186 -6.12 -8.70 -1.90
CA LYS C 186 -4.70 -8.29 -2.01
C LYS C 186 -4.64 -6.77 -1.83
N MET C 187 -5.80 -6.11 -1.75
CA MET C 187 -5.80 -4.65 -1.68
C MET C 187 -7.17 -4.43 -1.03
N ASP C 188 -7.26 -4.63 0.28
CA ASP C 188 -8.52 -4.46 1.05
C ASP C 188 -8.58 -3.02 1.59
N VAL C 189 -9.24 -2.09 0.88
CA VAL C 189 -9.33 -0.69 1.26
C VAL C 189 -10.66 -0.42 1.94
N ASN C 190 -10.63 0.29 3.05
CA ASN C 190 -11.84 0.66 3.77
C ASN C 190 -12.13 2.14 3.49
N GLY C 191 -12.28 2.47 2.21
CA GLY C 191 -12.54 3.83 1.83
C GLY C 191 -12.52 4.03 0.33
N GLY C 192 -12.19 5.25 -0.09
CA GLY C 192 -12.16 5.59 -1.50
C GLY C 192 -10.81 5.42 -2.16
N ILE C 193 -10.86 5.16 -3.47
CA ILE C 193 -9.69 5.01 -4.32
C ILE C 193 -9.70 6.17 -5.30
N LYS C 194 -8.63 6.97 -5.30
CA LYS C 194 -8.53 8.15 -6.15
C LYS C 194 -7.31 8.09 -7.05
N GLN C 195 -7.51 8.48 -8.30
CA GLN C 195 -6.45 8.50 -9.31
C GLN C 195 -6.34 9.90 -9.89
N PRO C 196 -5.28 10.17 -10.66
CA PRO C 196 -5.12 11.52 -11.22
C PRO C 196 -6.20 11.90 -12.21
N ASN C 197 -6.50 13.20 -12.26
CA ASN C 197 -7.47 13.75 -13.19
C ASN C 197 -6.72 13.98 -14.49
N TYR C 198 -6.99 13.16 -15.51
CA TYR C 198 -6.30 13.27 -16.79
C TYR C 198 -7.02 14.17 -17.78
N GLY C 199 -7.92 15.02 -17.31
CA GLY C 199 -8.61 15.93 -18.21
C GLY C 199 -9.61 15.24 -19.13
N ILE C 200 -9.80 15.86 -20.30
CA ILE C 200 -10.73 15.40 -21.33
C ILE C 200 -9.93 14.88 -22.51
N ILE C 201 -10.47 13.85 -23.15
CA ILE C 201 -9.83 13.19 -24.29
C ILE C 201 -10.51 13.61 -25.58
N SER C 202 -9.69 13.72 -26.64
CA SER C 202 -10.21 14.11 -27.96
C SER C 202 -9.47 13.36 -29.08
N ALA C 203 -10.20 12.79 -30.04
CA ALA C 203 -9.62 12.10 -31.17
C ALA C 203 -10.61 12.22 -32.33
N VAL C 204 -10.43 13.24 -33.18
CA VAL C 204 -11.30 13.48 -34.31
C VAL C 204 -10.51 13.39 -35.60
N ARG C 205 -11.03 12.57 -36.54
CA ARG C 205 -10.44 12.38 -37.87
C ARG C 205 -11.53 12.64 -38.89
N ASN C 206 -11.46 13.78 -39.57
CA ASN C 206 -12.44 14.19 -40.57
C ASN C 206 -11.73 14.67 -41.83
N SER C 207 -12.52 15.14 -42.80
CA SER C 207 -11.97 15.65 -44.04
C SER C 207 -11.01 16.80 -43.78
N GLY C 208 -11.25 17.58 -42.71
CA GLY C 208 -10.37 18.68 -42.39
C GLY C 208 -9.02 18.26 -41.88
N GLY C 209 -8.89 17.03 -41.38
CA GLY C 209 -7.62 16.56 -40.88
C GLY C 209 -7.81 15.63 -39.70
N VAL C 210 -6.71 15.42 -38.97
CA VAL C 210 -6.66 14.54 -37.81
C VAL C 210 -6.01 15.27 -36.65
N THR C 211 -6.70 15.29 -35.50
CA THR C 211 -6.19 15.93 -34.29
C THR C 211 -6.56 15.09 -33.10
N ALA C 212 -5.74 15.16 -32.05
CA ALA C 212 -5.99 14.36 -30.85
C ALA C 212 -5.37 15.03 -29.63
N SER C 213 -6.09 14.94 -28.52
CA SER C 213 -5.67 15.48 -27.22
C SER C 213 -5.61 14.26 -26.31
N MET C 214 -4.40 13.74 -26.11
CA MET C 214 -4.17 12.55 -25.29
C MET C 214 -3.24 12.90 -24.13
N PRO C 215 -3.66 12.65 -22.88
CA PRO C 215 -2.78 12.97 -21.74
C PRO C 215 -1.57 12.06 -21.61
N TRP C 216 -1.47 11.00 -22.40
CA TRP C 216 -0.34 10.09 -22.34
C TRP C 216 0.37 10.04 -23.68
N THR C 217 1.52 9.35 -23.66
CA THR C 217 2.36 9.20 -24.83
C THR C 217 2.33 7.75 -25.31
N ASN C 218 2.59 7.57 -26.60
CA ASN C 218 2.64 6.22 -27.16
C ASN C 218 3.55 5.35 -26.29
N ALA C 219 4.75 5.86 -26.04
CA ALA C 219 5.72 5.14 -25.20
C ALA C 219 5.14 4.85 -23.83
N TYR C 220 4.55 5.85 -23.18
CA TYR C 220 3.99 5.66 -21.85
C TYR C 220 2.96 4.54 -21.83
N VAL C 221 1.96 4.62 -22.71
CA VAL C 221 0.92 3.59 -22.75
C VAL C 221 1.54 2.22 -23.01
N LEU C 222 2.53 2.16 -23.90
CA LEU C 222 3.17 0.89 -24.20
C LEU C 222 3.88 0.31 -22.98
N ALA C 223 4.36 1.18 -22.08
CA ALA C 223 5.06 0.77 -20.87
C ALA C 223 4.16 0.67 -19.65
N HIS C 224 2.85 0.75 -19.82
CA HIS C 224 1.90 0.68 -18.71
C HIS C 224 0.68 -0.14 -19.10
N GLN C 225 0.95 -1.31 -19.67
CA GLN C 225 -0.11 -2.21 -20.13
C GLN C 225 -0.94 -2.76 -18.98
N GLY C 226 -2.26 -2.83 -19.21
CA GLY C 226 -3.21 -3.36 -18.25
C GLY C 226 -3.56 -2.47 -17.08
N GLU C 227 -3.26 -1.18 -17.14
CA GLU C 227 -3.54 -0.27 -16.05
C GLU C 227 -4.83 0.48 -16.32
N MET C 228 -5.70 0.52 -15.31
CA MET C 228 -7.00 1.19 -15.40
C MET C 228 -6.92 2.55 -14.72
N HIS C 229 -7.52 3.55 -15.36
CA HIS C 229 -7.52 4.92 -14.86
C HIS C 229 -8.95 5.45 -14.92
N GLN C 230 -9.48 5.86 -13.77
CA GLN C 230 -10.83 6.40 -13.68
C GLN C 230 -10.75 7.80 -13.09
N TRP C 231 -11.61 8.71 -13.59
CA TRP C 231 -11.64 10.08 -13.10
C TRP C 231 -12.89 10.77 -13.62
N VAL C 232 -13.06 12.03 -13.25
CA VAL C 232 -14.23 12.84 -13.62
C VAL C 232 -13.78 14.05 -14.42
N ALA C 233 -14.44 14.28 -15.55
CA ALA C 233 -14.16 15.42 -16.42
C ALA C 233 -15.20 15.44 -17.53
N GLY C 234 -15.25 16.55 -18.25
N GLY C 234 -15.25 16.55 -18.25
CA GLY C 234 -16.19 16.71 -19.34
CA GLY C 234 -16.19 16.71 -19.34
C GLY C 234 -16.09 15.59 -20.36
C GLY C 234 -16.09 15.59 -20.36
N GLY C 235 -17.10 15.46 -21.21
CA GLY C 235 -17.12 14.42 -22.22
C GLY C 235 -16.06 14.53 -23.29
N PRO C 236 -15.78 13.41 -23.97
CA PRO C 236 -14.80 13.40 -25.04
C PRO C 236 -15.40 13.73 -26.40
N ILE C 237 -14.52 14.16 -27.30
CA ILE C 237 -14.87 14.52 -28.68
C ILE C 237 -14.17 13.48 -29.55
N LEU C 238 -14.96 12.56 -30.11
CA LEU C 238 -14.42 11.47 -30.90
C LEU C 238 -15.06 11.30 -32.26
N GLN C 239 -14.21 10.98 -33.25
CA GLN C 239 -14.69 10.73 -34.60
C GLN C 239 -13.61 10.29 -35.58
N ASP C 240 -13.97 9.40 -36.51
CA ASP C 240 -13.06 8.97 -37.57
C ASP C 240 -13.95 8.64 -38.77
N SER C 241 -14.17 9.65 -39.62
CA SER C 241 -14.99 9.51 -40.82
C SER C 241 -14.20 9.08 -42.03
N VAL C 242 -12.90 8.80 -41.86
CA VAL C 242 -12.05 8.43 -42.98
C VAL C 242 -11.75 6.93 -43.01
N THR C 243 -11.06 6.41 -41.99
CA THR C 243 -10.70 5.01 -41.99
C THR C 243 -11.23 4.20 -40.82
N GLY C 244 -10.93 4.60 -39.58
CA GLY C 244 -11.34 3.83 -38.43
C GLY C 244 -12.83 3.57 -38.30
N CYS C 245 -13.56 4.59 -37.90
CA CYS C 245 -14.99 4.39 -37.69
C CYS C 245 -15.65 4.77 -39.00
N ASN C 246 -15.30 4.09 -40.09
CA ASN C 246 -15.81 4.53 -41.42
C ASN C 246 -17.03 3.71 -41.83
N ALA C 247 -17.32 2.65 -41.09
CA ALA C 247 -18.39 1.74 -41.53
C ALA C 247 -19.32 1.45 -40.36
N GLY C 248 -20.33 0.61 -40.57
CA GLY C 248 -21.17 0.27 -39.45
C GLY C 248 -22.52 0.96 -39.59
N PRO C 249 -23.41 0.74 -38.64
CA PRO C 249 -24.74 1.38 -38.74
C PRO C 249 -24.66 2.90 -38.89
N ASP C 250 -23.82 3.55 -38.08
CA ASP C 250 -23.59 4.99 -38.09
C ASP C 250 -22.14 5.11 -38.56
N ALA C 251 -21.96 5.52 -39.81
CA ALA C 251 -20.61 5.54 -40.38
C ALA C 251 -19.69 6.68 -39.93
N GLY C 252 -20.02 7.92 -40.24
CA GLY C 252 -19.16 9.05 -39.92
C GLY C 252 -19.59 9.90 -38.75
N VAL C 253 -19.88 9.26 -37.66
CA VAL C 253 -20.38 9.93 -36.46
C VAL C 253 -19.28 10.64 -35.68
N LYS C 254 -19.67 11.76 -35.07
CA LYS C 254 -18.84 12.55 -34.18
C LYS C 254 -19.58 12.70 -32.85
N PHE C 255 -19.02 12.11 -31.80
CA PHE C 255 -19.55 12.16 -30.44
C PHE C 255 -19.05 13.49 -29.85
N ASP C 256 -19.79 14.56 -30.17
CA ASP C 256 -19.42 15.92 -29.77
C ASP C 256 -19.90 16.26 -28.36
N SER C 257 -19.01 16.09 -27.38
CA SER C 257 -19.32 16.40 -26.00
C SER C 257 -19.18 17.88 -25.71
N ILE C 258 -20.07 18.40 -24.88
CA ILE C 258 -20.04 19.81 -24.48
C ILE C 258 -19.44 19.84 -23.08
N ALA C 259 -18.39 20.64 -22.88
CA ALA C 259 -17.74 20.73 -21.58
C ALA C 259 -18.69 21.37 -20.58
N THR C 260 -19.05 20.60 -19.54
CA THR C 260 -19.97 21.08 -18.51
C THR C 260 -19.41 20.83 -17.11
N SER C 261 -19.96 21.58 -16.15
CA SER C 261 -19.56 21.46 -14.76
C SER C 261 -19.85 20.06 -14.22
N TRP C 262 -20.92 19.43 -14.73
CA TRP C 262 -21.30 18.09 -14.27
C TRP C 262 -20.33 17.03 -14.77
N GLY C 263 -19.83 17.17 -15.99
CA GLY C 263 -18.88 16.23 -16.54
C GLY C 263 -19.36 14.79 -16.51
N GLY C 264 -18.40 13.88 -16.38
CA GLY C 264 -18.69 12.46 -16.34
C GLY C 264 -17.49 11.60 -15.99
N PRO C 265 -17.74 10.33 -15.63
CA PRO C 265 -16.63 9.44 -15.25
C PRO C 265 -15.93 8.69 -16.38
N TYR C 266 -14.64 9.01 -16.57
CA TYR C 266 -13.83 8.33 -17.57
C TYR C 266 -13.30 7.02 -17.01
N LYS C 267 -13.22 6.00 -17.85
CA LYS C 267 -12.67 4.69 -17.46
C LYS C 267 -11.80 4.28 -18.65
N VAL C 268 -10.49 4.52 -18.55
CA VAL C 268 -9.54 4.21 -19.61
C VAL C 268 -8.54 3.17 -19.13
N ILE C 269 -8.46 2.06 -19.86
CA ILE C 269 -7.53 0.97 -19.54
C ILE C 269 -6.60 0.84 -20.74
N PHE C 270 -5.33 0.53 -20.47
CA PHE C 270 -4.32 0.44 -21.51
C PHE C 270 -4.23 -0.93 -22.17
N HIS C 271 -3.96 -0.91 -23.48
CA HIS C 271 -3.81 -2.11 -24.29
C HIS C 271 -2.84 -1.76 -25.42
N THR C 272 -2.64 -2.70 -26.34
CA THR C 272 -1.73 -2.43 -27.45
C THR C 272 -2.16 -3.24 -28.67
N THR C 273 -1.68 -2.79 -29.83
CA THR C 273 -1.94 -3.44 -31.10
C THR C 273 -0.94 -4.56 -31.37
N GLY C 274 0.18 -4.54 -30.63
CA GLY C 274 1.28 -5.45 -30.79
C GLY C 274 2.51 -4.70 -31.25
N SER C 275 2.31 -3.49 -31.76
CA SER C 275 3.34 -2.58 -32.23
C SER C 275 3.09 -1.14 -31.80
N ASN C 276 1.94 -0.82 -31.22
CA ASN C 276 1.63 0.54 -30.80
C ASN C 276 0.60 0.50 -29.69
N GLY C 277 0.51 1.62 -28.94
CA GLY C 277 -0.41 1.70 -27.83
C GLY C 277 -1.86 1.90 -28.24
N ALA C 278 -2.76 1.25 -27.51
CA ALA C 278 -4.19 1.30 -27.70
C ALA C 278 -4.86 1.50 -26.35
N ILE C 279 -6.11 1.99 -26.37
CA ILE C 279 -6.84 2.21 -25.12
C ILE C 279 -8.32 1.92 -25.32
N HIS C 280 -8.95 1.43 -24.25
CA HIS C 280 -10.38 1.15 -24.20
C HIS C 280 -10.95 2.24 -23.30
N LEU C 281 -11.76 3.12 -23.86
CA LEU C 281 -12.33 4.26 -23.14
C LEU C 281 -13.83 4.15 -22.96
N GLU C 282 -14.30 4.59 -21.79
CA GLU C 282 -15.70 4.59 -21.44
C GLU C 282 -16.04 5.92 -20.78
N TRP C 283 -17.16 6.52 -21.17
CA TRP C 283 -17.56 7.79 -20.58
C TRP C 283 -19.06 7.99 -20.69
N SER C 284 -19.66 8.51 -19.62
CA SER C 284 -21.09 8.79 -19.55
C SER C 284 -21.28 10.13 -18.86
N GLY C 285 -22.31 10.90 -19.24
CA GLY C 285 -22.50 12.22 -18.62
C GLY C 285 -23.37 13.14 -19.44
N TRP C 286 -23.30 14.43 -19.08
CA TRP C 286 -24.08 15.52 -19.71
C TRP C 286 -23.07 16.55 -20.23
N GLN C 287 -23.37 17.38 -21.25
CA GLN C 287 -24.35 17.31 -22.36
C GLN C 287 -23.53 16.92 -23.57
N VAL C 288 -24.01 15.95 -24.36
CA VAL C 288 -23.26 15.45 -25.55
C VAL C 288 -24.13 15.57 -26.81
N SER C 289 -23.54 15.98 -27.93
CA SER C 289 -24.29 16.14 -29.20
C SER C 289 -23.84 15.09 -30.23
N LEU C 290 -24.79 14.36 -30.81
CA LEU C 290 -24.44 13.36 -31.85
C LEU C 290 -24.49 14.03 -33.22
N LYS C 291 -23.39 13.92 -33.98
CA LYS C 291 -23.33 14.59 -35.31
C LYS C 291 -22.88 13.59 -36.37
N ASN C 292 -23.38 13.73 -37.60
CA ASN C 292 -23.00 12.85 -38.69
C ASN C 292 -21.81 13.44 -39.43
N SER C 293 -21.28 12.69 -40.40
CA SER C 293 -20.15 13.17 -41.18
C SER C 293 -20.43 14.55 -41.75
N ALA C 294 -21.67 14.82 -42.14
CA ALA C 294 -22.02 16.13 -42.67
C ALA C 294 -21.95 17.22 -41.62
N GLY C 295 -22.16 16.86 -40.35
CA GLY C 295 -22.11 17.81 -39.26
C GLY C 295 -23.45 18.20 -38.67
N THR C 296 -24.54 17.56 -39.09
CA THR C 296 -25.85 17.88 -38.56
C THR C 296 -26.08 17.16 -37.24
N GLU C 297 -26.72 17.85 -36.28
CA GLU C 297 -26.95 17.26 -34.94
C GLU C 297 -28.15 16.31 -35.00
N LEU C 298 -27.95 15.05 -34.63
CA LEU C 298 -29.05 14.05 -34.63
C LEU C 298 -29.77 14.12 -33.27
N ALA C 299 -29.03 14.35 -32.19
CA ALA C 299 -29.63 14.44 -30.84
C ALA C 299 -28.65 15.11 -29.87
N ILE C 300 -29.14 15.59 -28.73
CA ILE C 300 -28.28 16.26 -27.76
C ILE C 300 -28.83 16.02 -26.36
N GLY C 301 -27.92 15.73 -25.42
CA GLY C 301 -28.30 15.48 -24.04
C GLY C 301 -27.38 14.51 -23.32
N MET C 302 -27.95 13.49 -22.70
CA MET C 302 -27.15 12.50 -21.99
C MET C 302 -26.39 11.65 -23.01
N GLY C 303 -25.09 11.52 -22.80
CA GLY C 303 -24.25 10.74 -23.70
C GLY C 303 -23.39 9.72 -22.99
N GLN C 304 -23.30 8.56 -23.62
CA GLN C 304 -22.43 7.48 -23.11
C GLN C 304 -21.72 6.89 -24.30
N VAL C 305 -20.51 6.41 -24.08
CA VAL C 305 -19.74 5.90 -25.19
C VAL C 305 -18.65 4.95 -24.72
N PHE C 306 -18.34 3.97 -25.57
CA PHE C 306 -17.26 3.02 -25.39
C PHE C 306 -16.44 3.14 -26.66
N ALA C 307 -15.13 3.28 -26.55
CA ALA C 307 -14.34 3.41 -27.77
C ALA C 307 -12.99 2.74 -27.58
N THR C 308 -12.41 2.33 -28.70
CA THR C 308 -11.11 1.68 -28.74
C THR C 308 -10.23 2.49 -29.68
N LEU C 309 -9.33 3.28 -29.10
CA LEU C 309 -8.42 4.12 -29.85
C LEU C 309 -7.02 3.52 -29.83
N HIS C 310 -6.16 4.01 -30.70
CA HIS C 310 -4.79 3.53 -30.76
C HIS C 310 -3.95 4.52 -31.57
N TYR C 311 -2.67 4.61 -31.20
CA TYR C 311 -1.76 5.50 -31.89
C TYR C 311 -1.44 4.92 -33.27
N ASP C 312 -1.83 5.63 -34.32
CA ASP C 312 -1.58 5.19 -35.68
C ASP C 312 -0.40 5.99 -36.23
N PRO C 313 0.77 5.38 -36.44
CA PRO C 313 1.90 6.16 -36.96
C PRO C 313 1.65 6.70 -38.36
N ALA C 314 0.86 5.99 -39.17
CA ALA C 314 0.56 6.48 -40.52
C ALA C 314 -0.02 7.88 -40.46
N VAL C 315 -0.72 8.20 -39.38
CA VAL C 315 -1.34 9.49 -39.17
C VAL C 315 -0.60 10.32 -38.11
N SER C 316 0.48 9.78 -37.55
CA SER C 316 1.29 10.47 -36.54
C SER C 316 0.46 10.98 -35.38
N ASN C 317 -0.62 10.27 -35.05
CA ASN C 317 -1.47 10.68 -33.93
C ASN C 317 -2.42 9.55 -33.57
N TRP C 318 -3.20 9.77 -32.52
CA TRP C 318 -4.17 8.80 -32.05
C TRP C 318 -5.46 8.88 -32.87
N ARG C 319 -6.05 7.73 -33.15
CA ARG C 319 -7.29 7.68 -33.92
C ARG C 319 -8.22 6.61 -33.38
N VAL C 320 -9.49 6.74 -33.73
CA VAL C 320 -10.54 5.83 -33.29
C VAL C 320 -10.69 4.68 -34.29
N GLU C 321 -10.52 3.44 -33.79
CA GLU C 321 -10.69 2.26 -34.65
C GLU C 321 -12.16 1.89 -34.75
N HIS C 322 -12.88 1.94 -33.63
CA HIS C 322 -14.30 1.63 -33.57
C HIS C 322 -14.85 2.20 -32.27
N MET C 323 -16.11 2.62 -32.32
CA MET C 323 -16.78 3.23 -31.19
C MET C 323 -18.27 3.00 -31.28
N PHE C 324 -18.91 2.89 -30.11
CA PHE C 324 -20.35 2.72 -30.08
C PHE C 324 -20.84 3.18 -28.71
N GLY C 325 -22.03 3.74 -28.70
CA GLY C 325 -22.62 4.24 -27.47
C GLY C 325 -24.04 4.66 -27.70
N ARG C 326 -24.52 5.57 -26.85
CA ARG C 326 -25.92 6.04 -26.97
C ARG C 326 -26.00 7.53 -26.59
N ILE C 327 -26.80 8.29 -27.35
CA ILE C 327 -27.02 9.72 -27.02
C ILE C 327 -28.51 9.87 -26.75
N ASN C 328 -28.88 10.04 -25.49
CA ASN C 328 -30.31 10.13 -25.07
C ASN C 328 -30.92 8.72 -25.15
N ASN C 329 -31.64 8.41 -26.22
CA ASN C 329 -32.30 7.10 -26.34
C ASN C 329 -31.90 6.48 -27.67
N THR C 330 -31.23 7.25 -28.53
CA THR C 330 -30.78 6.78 -29.83
C THR C 330 -29.40 6.17 -29.68
N ASN C 331 -29.21 4.97 -30.27
CA ASN C 331 -27.97 4.18 -30.14
C ASN C 331 -27.18 4.33 -31.44
N PHE C 332 -25.86 4.31 -31.34
CA PHE C 332 -24.93 4.47 -32.45
C PHE C 332 -23.78 3.46 -32.34
N THR C 333 -23.23 3.08 -33.50
CA THR C 333 -22.13 2.13 -33.59
C THR C 333 -21.35 2.44 -34.86
N CYS C 334 -20.02 2.35 -34.79
CA CYS C 334 -19.21 2.63 -35.97
C CYS C 334 -17.85 1.95 -35.94
N TRP C 335 -17.34 1.44 -37.08
CA TRP C 335 -16.09 0.64 -37.11
C TRP C 335 -15.30 0.74 -38.42
#